data_5EKD
#
_entry.id   5EKD
#
_cell.length_a   58.289
_cell.length_b   78.087
_cell.length_c   153.996
_cell.angle_alpha   90.00
_cell.angle_beta   96.55
_cell.angle_gamma   90.00
#
_symmetry.space_group_name_H-M   'C 1 2 1'
#
loop_
_entity.id
_entity.type
_entity.pdbx_description
1 polymer 'Tryptophan--tRNA ligase, mitochondrial'
2 non-polymer (5S)-5-[(1R)-1-(1H-indol-3-yl)ethyl]-2-(methylamino)-1,3-oxazol-4(5H)-one
3 non-polymer "ADENOSINE-5'-TRIPHOSPHATE"
4 non-polymer 'MANGANESE (II) ION'
5 non-polymer GLYCEROL
6 water water
#
_entity_poly.entity_id   1
_entity_poly.type   'polypeptide(L)'
_entity_poly.pdbx_seq_one_letter_code
;ALHKGSAAAPALQKDSKKRVFSGIQPTGILHLGNYLGAIESWVRLQDEYDSVLYSIVDLHSITVPQDPAVLRQSILDMTA
VLLACGINPEKSILFQQSQVSEHTQLSWILSCMVRLPRLQHLHQWKAKTTKQKHDGTVGLLTYPVLQAADILLYKSTHVP
VGEDQVQHMELVQDLAQGFNKKYGEFFPVPESILTSMKKVKSLRDPSAKMSKSDPDKLATVRITDSPEEIVQKFRKAVTD
FTSEVTYDPAGRAGVSNIVAVHAAVTGLSVEEVVRRSAGMNTARYKLAVADAVIEKFAPIKREIEKLKLDKDHLEKVLQI
GSAKAKELAYTVCQEVKKLVGFL
;
_entity_poly.pdbx_strand_id   A,B
#
# COMPACT_ATOMS: atom_id res chain seq x y z
N LYS A 17 -9.06 -7.28 -25.83
CA LYS A 17 -7.91 -6.89 -26.61
C LYS A 17 -6.69 -7.44 -25.92
N LYS A 18 -5.57 -7.44 -26.61
CA LYS A 18 -4.36 -7.94 -26.03
C LYS A 18 -3.45 -6.79 -25.65
N ARG A 19 -2.68 -6.98 -24.58
CA ARG A 19 -1.80 -5.99 -24.08
C ARG A 19 -0.66 -6.59 -23.31
N VAL A 20 0.52 -6.09 -23.59
CA VAL A 20 1.75 -6.47 -22.95
C VAL A 20 2.09 -5.45 -21.88
N PHE A 21 2.50 -5.96 -20.74
CA PHE A 21 3.03 -5.17 -19.67
C PHE A 21 4.27 -5.82 -19.09
N SER A 22 5.27 -5.03 -18.80
CA SER A 22 6.41 -5.50 -18.04
C SER A 22 7.14 -4.36 -17.33
N GLY A 23 7.88 -4.70 -16.32
CA GLY A 23 8.57 -3.76 -15.50
C GLY A 23 10.02 -4.09 -15.20
N ILE A 24 10.82 -3.08 -14.97
CA ILE A 24 12.16 -3.24 -14.52
C ILE A 24 12.52 -2.20 -13.47
N GLN A 25 13.21 -2.59 -12.42
CA GLN A 25 13.66 -1.65 -11.40
C GLN A 25 14.81 -0.81 -11.88
N PRO A 26 14.69 0.51 -11.64
CA PRO A 26 15.68 1.48 -12.11
C PRO A 26 17.06 1.34 -11.52
N THR A 27 17.15 0.70 -10.40
CA THR A 27 18.35 0.63 -9.65
C THR A 27 19.36 -0.42 -10.12
N GLY A 28 20.59 -0.04 -10.18
CA GLY A 28 21.63 -0.85 -10.78
C GLY A 28 21.64 -0.72 -12.28
N ILE A 29 22.66 -1.28 -12.90
CA ILE A 29 22.77 -1.24 -14.32
C ILE A 29 22.30 -2.51 -14.99
N LEU A 30 21.55 -2.35 -16.04
CA LEU A 30 20.98 -3.47 -16.72
C LEU A 30 22.07 -4.42 -17.20
N HIS A 31 21.80 -5.70 -17.04
CA HIS A 31 22.73 -6.77 -17.29
C HIS A 31 22.18 -7.85 -18.18
N LEU A 32 23.04 -8.81 -18.45
CA LEU A 32 22.82 -9.83 -19.46
C LEU A 32 21.58 -10.67 -19.15
N GLY A 33 21.34 -10.94 -17.91
CA GLY A 33 20.11 -11.60 -17.49
C GLY A 33 18.84 -10.84 -17.75
N ASN A 34 18.85 -9.56 -17.44
CA ASN A 34 17.72 -8.72 -17.71
C ASN A 34 17.45 -8.72 -19.18
N TYR A 35 18.53 -8.54 -19.95
CA TYR A 35 18.44 -8.46 -21.39
C TYR A 35 17.92 -9.72 -22.08
N LEU A 36 18.53 -10.86 -21.81
CA LEU A 36 18.10 -12.14 -22.32
C LEU A 36 16.79 -12.68 -21.74
N GLY A 37 16.58 -12.47 -20.45
CA GLY A 37 15.39 -12.88 -19.76
C GLY A 37 14.17 -12.12 -20.19
N ALA A 38 14.32 -10.83 -20.41
CA ALA A 38 13.20 -9.97 -20.67
C ALA A 38 13.29 -8.90 -21.72
N ILE A 39 14.29 -8.05 -21.70
CA ILE A 39 14.32 -6.87 -22.53
C ILE A 39 14.28 -7.16 -24.00
N GLU A 40 14.95 -8.22 -24.39
CA GLU A 40 14.91 -8.66 -25.76
C GLU A 40 13.50 -9.04 -26.18
N SER A 41 12.75 -9.71 -25.34
CA SER A 41 11.37 -9.97 -25.57
C SER A 41 10.63 -8.66 -25.80
N TRP A 42 10.93 -7.66 -24.99
CA TRP A 42 10.16 -6.42 -25.01
C TRP A 42 10.23 -5.78 -26.35
N VAL A 43 11.41 -5.77 -26.90
CA VAL A 43 11.67 -5.18 -28.19
C VAL A 43 10.97 -5.90 -29.33
N ARG A 44 11.00 -7.20 -29.30
CA ARG A 44 10.28 -8.01 -30.25
C ARG A 44 8.79 -7.80 -30.13
N LEU A 45 8.31 -7.73 -28.91
CA LEU A 45 6.91 -7.62 -28.63
C LEU A 45 6.28 -6.34 -29.15
N GLN A 46 7.06 -5.29 -29.20
CA GLN A 46 6.52 -4.03 -29.58
C GLN A 46 6.07 -4.03 -31.02
N ASP A 47 6.59 -4.93 -31.83
CA ASP A 47 6.20 -5.05 -33.21
C ASP A 47 5.15 -6.08 -33.45
N GLU A 48 4.94 -6.96 -32.48
CA GLU A 48 3.88 -7.94 -32.56
C GLU A 48 2.55 -7.56 -31.97
N TYR A 49 2.51 -6.74 -30.94
CA TYR A 49 1.27 -6.33 -30.31
C TYR A 49 1.02 -4.84 -30.50
N ASP A 50 -0.23 -4.50 -30.69
CA ASP A 50 -0.66 -3.14 -30.84
C ASP A 50 -0.48 -2.34 -29.60
N SER A 51 -0.73 -2.93 -28.44
CA SER A 51 -0.61 -2.23 -27.18
C SER A 51 0.39 -2.85 -26.23
N VAL A 52 1.37 -2.04 -25.92
CA VAL A 52 2.53 -2.44 -25.18
C VAL A 52 2.96 -1.36 -24.17
N LEU A 53 3.12 -1.76 -22.93
CA LEU A 53 3.57 -0.88 -21.87
C LEU A 53 4.77 -1.41 -21.11
N TYR A 54 5.74 -0.56 -20.98
CA TYR A 54 6.92 -0.88 -20.24
C TYR A 54 7.20 0.16 -19.16
N SER A 55 7.35 -0.31 -17.94
CA SER A 55 7.44 0.54 -16.82
C SER A 55 8.75 0.44 -16.05
N ILE A 56 9.31 1.58 -15.78
CA ILE A 56 10.40 1.71 -14.90
C ILE A 56 9.79 1.82 -13.49
N VAL A 57 9.89 0.75 -12.74
CA VAL A 57 9.18 0.64 -11.49
C VAL A 57 9.95 1.11 -10.30
N ASP A 58 10.02 2.42 -10.18
CA ASP A 58 10.69 3.10 -9.11
C ASP A 58 10.11 2.83 -7.69
N LEU A 59 8.83 2.56 -7.62
CA LEU A 59 8.19 2.20 -6.38
C LEU A 59 8.73 0.89 -5.85
N HIS A 60 8.96 -0.04 -6.74
CA HIS A 60 9.54 -1.31 -6.34
C HIS A 60 10.95 -1.15 -5.83
N SER A 61 11.63 -0.16 -6.34
CA SER A 61 13.04 0.09 -6.02
C SER A 61 13.28 0.31 -4.55
N ILE A 62 12.36 1.03 -3.95
CA ILE A 62 12.54 1.47 -2.61
C ILE A 62 12.19 0.41 -1.56
N THR A 63 11.87 -0.78 -2.02
CA THR A 63 11.62 -1.89 -1.12
C THR A 63 12.89 -2.19 -0.33
N VAL A 64 13.98 -1.75 -0.91
CA VAL A 64 15.26 -1.70 -0.31
C VAL A 64 15.72 -0.23 -0.30
N PRO A 65 16.42 0.18 0.72
CA PRO A 65 16.77 1.59 0.85
C PRO A 65 17.58 2.16 -0.29
N GLN A 66 17.16 3.30 -0.76
CA GLN A 66 17.83 3.96 -1.82
C GLN A 66 18.27 5.38 -1.47
N ASP A 67 19.44 5.75 -1.92
CA ASP A 67 19.85 7.13 -1.91
C ASP A 67 19.11 7.87 -2.96
N PRO A 68 18.53 8.99 -2.61
CA PRO A 68 17.68 9.71 -3.56
C PRO A 68 18.36 10.19 -4.85
N ALA A 69 19.57 10.72 -4.72
CA ALA A 69 20.31 11.15 -5.89
C ALA A 69 20.61 9.96 -6.78
N VAL A 70 20.98 8.84 -6.20
CA VAL A 70 21.27 7.62 -6.96
C VAL A 70 20.03 7.11 -7.70
N LEU A 71 18.92 7.14 -7.01
CA LEU A 71 17.69 6.68 -7.59
C LEU A 71 17.28 7.55 -8.76
N ARG A 72 17.43 8.84 -8.60
CA ARG A 72 17.04 9.80 -9.61
C ARG A 72 17.84 9.58 -10.89
N GLN A 73 19.13 9.42 -10.71
CA GLN A 73 20.05 9.10 -11.78
C GLN A 73 19.78 7.74 -12.43
N SER A 74 19.46 6.72 -11.65
CA SER A 74 19.15 5.42 -12.18
C SER A 74 17.97 5.42 -13.09
N ILE A 75 16.98 6.24 -12.77
CA ILE A 75 15.82 6.34 -13.58
C ILE A 75 16.13 6.88 -14.95
N LEU A 76 16.94 7.91 -14.98
CA LEU A 76 17.41 8.51 -16.22
C LEU A 76 18.26 7.51 -17.01
N ASP A 77 19.15 6.83 -16.32
CA ASP A 77 20.01 5.85 -16.95
C ASP A 77 19.25 4.68 -17.57
N MET A 78 18.30 4.16 -16.83
CA MET A 78 17.47 3.10 -17.33
C MET A 78 16.69 3.55 -18.53
N THR A 79 16.27 4.80 -18.54
CA THR A 79 15.51 5.29 -19.64
C THR A 79 16.42 5.26 -20.91
N ALA A 80 17.65 5.69 -20.74
CA ALA A 80 18.59 5.73 -21.84
C ALA A 80 18.89 4.34 -22.35
N VAL A 81 19.12 3.44 -21.43
CA VAL A 81 19.39 2.06 -21.76
C VAL A 81 18.26 1.39 -22.50
N LEU A 82 17.04 1.58 -22.07
CA LEU A 82 15.93 0.97 -22.72
C LEU A 82 15.70 1.47 -24.12
N LEU A 83 15.84 2.76 -24.27
CA LEU A 83 15.75 3.36 -25.55
C LEU A 83 16.86 2.82 -26.46
N ALA A 84 18.04 2.75 -25.93
CA ALA A 84 19.21 2.23 -26.65
C ALA A 84 19.02 0.77 -27.08
N CYS A 85 18.36 -0.02 -26.26
CA CYS A 85 18.03 -1.40 -26.59
C CYS A 85 17.04 -1.55 -27.68
N GLY A 86 16.36 -0.49 -28.04
CA GLY A 86 15.33 -0.55 -29.03
C GLY A 86 13.89 -0.26 -28.70
N ILE A 87 13.62 0.12 -27.48
CA ILE A 87 12.27 0.49 -27.12
C ILE A 87 11.94 1.79 -27.79
N ASN A 88 10.92 1.76 -28.62
CA ASN A 88 10.46 2.92 -29.32
C ASN A 88 9.21 3.52 -28.67
N PRO A 89 9.34 4.73 -28.19
CA PRO A 89 8.23 5.44 -27.56
C PRO A 89 7.06 5.75 -28.48
N GLU A 90 7.22 5.70 -29.77
CA GLU A 90 6.11 5.74 -30.68
C GLU A 90 5.29 4.46 -30.76
N LYS A 91 5.91 3.35 -30.44
CA LYS A 91 5.28 2.06 -30.47
C LYS A 91 4.85 1.53 -29.10
N SER A 92 5.61 1.85 -28.09
CA SER A 92 5.24 1.47 -26.77
C SER A 92 5.15 2.64 -25.85
N ILE A 93 4.47 2.40 -24.76
CA ILE A 93 4.38 3.32 -23.69
C ILE A 93 5.44 3.00 -22.65
N LEU A 94 6.43 3.84 -22.60
CA LEU A 94 7.50 3.74 -21.65
C LEU A 94 7.31 4.81 -20.62
N PHE A 95 7.10 4.37 -19.40
CA PHE A 95 6.67 5.23 -18.32
C PHE A 95 7.30 4.96 -16.95
N GLN A 96 7.06 5.91 -16.05
CA GLN A 96 7.53 5.88 -14.70
C GLN A 96 6.38 5.59 -13.73
N GLN A 97 6.53 4.49 -13.03
CA GLN A 97 5.47 3.87 -12.27
C GLN A 97 4.93 4.87 -11.26
N SER A 98 5.80 5.57 -10.58
CA SER A 98 5.45 6.49 -9.49
C SER A 98 4.53 7.65 -9.92
N GLN A 99 4.53 7.93 -11.20
CA GLN A 99 3.80 9.03 -11.76
C GLN A 99 2.34 8.71 -12.05
N VAL A 100 1.96 7.45 -11.84
CA VAL A 100 0.62 7.00 -12.04
C VAL A 100 0.11 6.49 -10.70
N SER A 101 -0.70 7.30 -10.05
CA SER A 101 -1.13 7.08 -8.69
C SER A 101 -1.99 5.85 -8.51
N GLU A 102 -2.62 5.45 -9.58
CA GLU A 102 -3.55 4.36 -9.61
C GLU A 102 -2.91 3.02 -9.22
N HIS A 103 -1.61 2.89 -9.39
CA HIS A 103 -0.95 1.66 -9.10
C HIS A 103 -1.09 1.29 -7.65
N THR A 104 -0.79 2.21 -6.78
CA THR A 104 -0.93 1.98 -5.34
C THR A 104 -2.40 1.82 -4.88
N GLN A 105 -3.30 2.51 -5.55
CA GLN A 105 -4.72 2.41 -5.23
C GLN A 105 -5.25 1.02 -5.47
N LEU A 106 -4.96 0.49 -6.63
CA LEU A 106 -5.31 -0.85 -6.94
C LEU A 106 -4.56 -1.82 -6.03
N SER A 107 -3.32 -1.55 -5.71
CA SER A 107 -2.57 -2.45 -4.89
C SER A 107 -3.22 -2.61 -3.51
N TRP A 108 -3.71 -1.51 -2.98
CA TRP A 108 -4.39 -1.57 -1.70
C TRP A 108 -5.56 -2.48 -1.79
N ILE A 109 -6.35 -2.33 -2.83
CA ILE A 109 -7.54 -3.11 -2.97
C ILE A 109 -7.20 -4.59 -3.02
N LEU A 110 -6.19 -4.91 -3.80
CA LEU A 110 -5.70 -6.24 -3.92
C LEU A 110 -5.16 -6.80 -2.65
N SER A 111 -4.47 -6.02 -1.87
CA SER A 111 -3.92 -6.46 -0.58
C SER A 111 -5.00 -6.87 0.44
N CYS A 112 -6.19 -6.35 0.27
CA CYS A 112 -7.32 -6.71 1.08
C CYS A 112 -7.88 -8.08 0.71
N MET A 113 -7.36 -8.66 -0.34
CA MET A 113 -7.71 -9.97 -0.81
C MET A 113 -6.65 -11.07 -0.61
N VAL A 114 -5.54 -10.76 0.02
CA VAL A 114 -4.43 -11.65 0.15
C VAL A 114 -4.12 -11.88 1.60
N ARG A 115 -3.99 -13.13 2.00
CA ARG A 115 -3.58 -13.50 3.32
C ARG A 115 -2.10 -13.39 3.47
N LEU A 116 -1.68 -13.08 4.67
CA LEU A 116 -0.30 -12.77 4.93
C LEU A 116 0.64 -13.95 4.63
N PRO A 117 0.26 -15.17 5.00
CA PRO A 117 1.11 -16.33 4.75
C PRO A 117 1.36 -16.59 3.29
N ARG A 118 0.46 -16.17 2.44
CA ARG A 118 0.67 -16.31 1.02
C ARG A 118 1.93 -15.57 0.61
N LEU A 119 2.07 -14.36 1.09
CA LEU A 119 3.28 -13.59 0.91
C LEU A 119 4.52 -14.10 1.66
N GLN A 120 4.32 -14.51 2.88
CA GLN A 120 5.40 -15.01 3.69
C GLN A 120 6.03 -16.24 3.07
N HIS A 121 5.26 -17.04 2.40
CA HIS A 121 5.71 -18.31 1.92
C HIS A 121 6.17 -18.30 0.48
N LEU A 122 6.15 -17.16 -0.15
CA LEU A 122 6.73 -16.98 -1.47
C LEU A 122 8.25 -17.20 -1.37
N HIS A 123 8.82 -17.83 -2.37
CA HIS A 123 10.17 -18.26 -2.29
C HIS A 123 11.09 -17.12 -2.04
N GLN A 124 10.85 -16.00 -2.69
CA GLN A 124 11.74 -14.87 -2.62
C GLN A 124 11.85 -14.29 -1.21
N TRP A 125 10.85 -14.52 -0.38
CA TRP A 125 10.85 -14.17 1.01
C TRP A 125 11.23 -15.30 1.87
N LYS A 126 10.67 -16.43 1.58
CA LYS A 126 10.83 -17.63 2.38
C LYS A 126 12.25 -18.05 2.49
N ALA A 127 13.00 -17.85 1.43
CA ALA A 127 14.39 -18.24 1.34
C ALA A 127 15.30 -17.52 2.31
N LYS A 128 14.86 -16.36 2.75
CA LYS A 128 15.63 -15.51 3.60
C LYS A 128 15.85 -16.11 4.95
N THR A 129 16.85 -15.65 5.64
CA THR A 129 17.10 -16.08 6.99
C THR A 129 16.16 -15.39 7.94
N THR A 130 16.05 -15.93 9.12
CA THR A 130 15.09 -15.44 10.06
C THR A 130 15.41 -13.98 10.31
N LYS A 131 16.70 -13.69 10.39
CA LYS A 131 17.18 -12.33 10.58
C LYS A 131 16.83 -11.41 9.44
N GLN A 132 17.02 -11.90 8.25
CA GLN A 132 16.76 -11.14 7.05
C GLN A 132 15.26 -10.82 6.95
N LYS A 133 14.46 -11.77 7.36
CA LYS A 133 13.01 -11.64 7.45
C LYS A 133 12.59 -10.61 8.46
N HIS A 134 13.27 -10.57 9.59
CA HIS A 134 13.12 -9.52 10.56
C HIS A 134 13.56 -8.11 10.10
N ASP A 135 14.63 -8.04 9.33
CA ASP A 135 15.12 -6.84 8.66
C ASP A 135 14.46 -6.27 7.42
N GLY A 136 13.87 -7.10 6.59
CA GLY A 136 13.30 -6.62 5.37
C GLY A 136 12.08 -5.76 5.62
N THR A 137 11.78 -4.88 4.70
CA THR A 137 10.62 -4.01 4.82
C THR A 137 9.29 -4.70 4.44
N VAL A 138 8.20 -4.16 4.93
CA VAL A 138 6.89 -4.61 4.56
C VAL A 138 6.63 -4.41 3.06
N GLY A 139 7.27 -3.41 2.50
CA GLY A 139 7.20 -3.19 1.08
C GLY A 139 7.82 -4.34 0.30
N LEU A 140 8.93 -4.80 0.79
CA LEU A 140 9.60 -5.96 0.19
C LEU A 140 8.74 -7.20 0.25
N LEU A 141 8.11 -7.37 1.39
CA LEU A 141 7.19 -8.48 1.59
C LEU A 141 6.01 -8.42 0.61
N THR A 142 5.51 -7.23 0.40
CA THR A 142 4.31 -7.01 -0.35
C THR A 142 4.42 -6.65 -1.85
N TYR A 143 5.61 -6.59 -2.39
CA TYR A 143 5.82 -6.11 -3.73
C TYR A 143 5.08 -6.94 -4.78
N PRO A 144 4.92 -8.23 -4.55
CA PRO A 144 4.17 -9.05 -5.52
C PRO A 144 2.75 -8.54 -5.73
N VAL A 145 2.15 -8.04 -4.67
CA VAL A 145 0.83 -7.45 -4.75
C VAL A 145 0.81 -6.17 -5.59
N LEU A 146 1.82 -5.33 -5.41
CA LEU A 146 1.98 -4.15 -6.22
C LEU A 146 2.22 -4.52 -7.70
N GLN A 147 2.97 -5.57 -7.87
CA GLN A 147 3.31 -6.14 -9.15
C GLN A 147 2.02 -6.59 -9.85
N ALA A 148 1.14 -7.21 -9.09
CA ALA A 148 -0.13 -7.65 -9.61
C ALA A 148 -0.96 -6.45 -10.08
N ALA A 149 -0.91 -5.42 -9.27
CA ALA A 149 -1.59 -4.18 -9.54
C ALA A 149 -1.02 -3.53 -10.81
N ASP A 150 0.29 -3.56 -10.96
CA ASP A 150 0.94 -2.93 -12.10
C ASP A 150 0.39 -3.55 -13.39
N ILE A 151 0.27 -4.84 -13.37
CA ILE A 151 -0.25 -5.61 -14.50
C ILE A 151 -1.76 -5.47 -14.74
N LEU A 152 -2.53 -5.69 -13.70
CA LEU A 152 -3.99 -5.66 -13.75
C LEU A 152 -4.59 -4.30 -14.06
N LEU A 153 -3.91 -3.27 -13.65
CA LEU A 153 -4.39 -1.94 -13.84
C LEU A 153 -4.66 -1.61 -15.30
N TYR A 154 -3.88 -2.16 -16.22
CA TYR A 154 -3.99 -1.96 -17.64
C TYR A 154 -4.73 -3.09 -18.38
N LYS A 155 -5.31 -3.99 -17.64
CA LYS A 155 -5.96 -5.17 -18.19
C LYS A 155 -5.01 -5.94 -19.18
N SER A 156 -3.77 -6.09 -18.73
CA SER A 156 -2.72 -6.74 -19.49
C SER A 156 -3.01 -8.22 -19.67
N THR A 157 -2.66 -8.74 -20.85
CA THR A 157 -2.80 -10.16 -21.18
C THR A 157 -1.51 -10.98 -21.17
N HIS A 158 -0.42 -10.32 -21.51
CA HIS A 158 0.86 -10.96 -21.64
C HIS A 158 1.97 -10.24 -20.90
N VAL A 159 2.71 -10.98 -20.12
CA VAL A 159 3.74 -10.42 -19.28
C VAL A 159 5.10 -11.12 -19.34
N PRO A 160 6.05 -10.48 -20.00
CA PRO A 160 7.39 -10.99 -20.04
C PRO A 160 8.14 -10.83 -18.73
N VAL A 161 8.63 -11.93 -18.24
CA VAL A 161 9.43 -11.98 -17.06
C VAL A 161 10.51 -13.08 -17.09
N GLY A 162 11.47 -12.95 -16.20
CA GLY A 162 12.37 -13.99 -15.84
C GLY A 162 11.83 -15.04 -14.90
N GLU A 163 12.56 -16.12 -14.74
CA GLU A 163 12.12 -17.28 -13.98
C GLU A 163 11.83 -16.99 -12.52
N ASP A 164 12.57 -16.06 -11.93
CA ASP A 164 12.42 -15.69 -10.54
C ASP A 164 11.04 -15.05 -10.21
N GLN A 165 10.31 -14.62 -11.22
CA GLN A 165 9.03 -13.97 -11.08
C GLN A 165 7.82 -14.84 -11.47
N VAL A 166 8.06 -16.08 -11.81
CA VAL A 166 7.00 -16.97 -12.22
C VAL A 166 6.00 -17.20 -11.09
N GLN A 167 6.50 -17.40 -9.91
CA GLN A 167 5.64 -17.66 -8.79
C GLN A 167 4.75 -16.47 -8.56
N HIS A 168 5.29 -15.27 -8.70
CA HIS A 168 4.53 -14.06 -8.58
C HIS A 168 3.46 -13.95 -9.64
N MET A 169 3.71 -14.47 -10.82
CA MET A 169 2.71 -14.47 -11.87
C MET A 169 1.49 -15.29 -11.49
N GLU A 170 1.69 -16.37 -10.79
CA GLU A 170 0.59 -17.18 -10.35
C GLU A 170 -0.31 -16.41 -9.37
N LEU A 171 0.31 -15.65 -8.49
CA LEU A 171 -0.40 -14.81 -7.57
C LEU A 171 -1.22 -13.75 -8.33
N VAL A 172 -0.63 -13.17 -9.33
CA VAL A 172 -1.28 -12.21 -10.15
C VAL A 172 -2.49 -12.81 -10.82
N GLN A 173 -2.34 -14.03 -11.27
CA GLN A 173 -3.44 -14.76 -11.88
C GLN A 173 -4.55 -15.05 -10.87
N ASP A 174 -4.16 -15.47 -9.69
CA ASP A 174 -5.09 -15.78 -8.61
C ASP A 174 -5.85 -14.50 -8.23
N LEU A 175 -5.16 -13.38 -8.16
CA LEU A 175 -5.79 -12.12 -7.84
C LEU A 175 -6.81 -11.69 -8.87
N ALA A 176 -6.48 -11.83 -10.12
CA ALA A 176 -7.40 -11.50 -11.18
C ALA A 176 -8.65 -12.35 -11.09
N GLN A 177 -8.45 -13.62 -10.88
CA GLN A 177 -9.53 -14.57 -10.74
C GLN A 177 -10.40 -14.31 -9.52
N GLY A 178 -9.78 -14.05 -8.40
CA GLY A 178 -10.47 -13.74 -7.22
C GLY A 178 -11.30 -12.48 -7.35
N PHE A 179 -10.77 -11.41 -7.94
CA PHE A 179 -11.53 -10.20 -8.14
C PHE A 179 -12.71 -10.49 -9.02
N ASN A 180 -12.46 -11.22 -10.07
CA ASN A 180 -13.47 -11.56 -11.02
C ASN A 180 -14.61 -12.38 -10.40
N LYS A 181 -14.29 -13.24 -9.49
CA LYS A 181 -15.28 -14.08 -8.87
C LYS A 181 -16.24 -13.19 -8.11
N LYS A 182 -15.68 -12.26 -7.36
CA LYS A 182 -16.49 -11.34 -6.59
C LYS A 182 -17.31 -10.33 -7.35
N TYR A 183 -16.69 -9.63 -8.28
CA TYR A 183 -17.29 -8.51 -8.95
C TYR A 183 -17.78 -8.76 -10.38
N GLY A 184 -17.54 -9.95 -10.86
CA GLY A 184 -17.82 -10.30 -12.22
C GLY A 184 -16.62 -10.11 -13.10
N GLU A 185 -16.65 -10.59 -14.33
CA GLU A 185 -15.46 -10.68 -15.10
C GLU A 185 -15.03 -9.33 -15.51
N PHE A 186 -13.88 -8.95 -15.00
CA PHE A 186 -13.36 -7.66 -15.26
C PHE A 186 -11.94 -7.70 -15.83
N PHE A 187 -11.09 -8.43 -15.16
CA PHE A 187 -9.70 -8.54 -15.48
C PHE A 187 -9.40 -9.78 -16.30
N PRO A 188 -8.66 -9.57 -17.38
CA PRO A 188 -8.08 -10.71 -18.05
C PRO A 188 -7.11 -11.40 -17.11
N VAL A 189 -7.03 -12.70 -17.19
CA VAL A 189 -6.09 -13.45 -16.43
C VAL A 189 -4.83 -13.48 -17.28
N PRO A 190 -3.81 -12.77 -16.84
CA PRO A 190 -2.58 -12.65 -17.65
C PRO A 190 -1.69 -13.88 -17.71
N GLU A 191 -0.95 -13.95 -18.79
CA GLU A 191 -0.04 -15.03 -19.09
C GLU A 191 1.40 -14.55 -19.11
N SER A 192 2.30 -15.32 -18.57
CA SER A 192 3.73 -15.04 -18.66
C SER A 192 4.29 -15.32 -20.03
N ILE A 193 5.32 -14.58 -20.39
CA ILE A 193 6.18 -14.87 -21.53
C ILE A 193 7.58 -15.08 -21.01
N LEU A 194 8.10 -16.27 -21.24
CA LEU A 194 9.41 -16.67 -20.84
C LEU A 194 10.32 -17.01 -22.00
N THR A 195 11.60 -16.79 -21.84
CA THR A 195 12.59 -17.08 -22.86
C THR A 195 13.40 -18.27 -22.42
N SER A 196 14.25 -18.77 -23.30
CA SER A 196 15.11 -19.85 -22.97
C SER A 196 16.08 -19.41 -21.89
N MET A 197 16.41 -18.14 -21.91
CA MET A 197 17.33 -17.55 -20.96
C MET A 197 16.62 -16.93 -19.75
N LYS A 198 15.64 -17.63 -19.26
CA LYS A 198 14.85 -17.15 -18.15
C LYS A 198 15.63 -17.03 -16.84
N LYS A 199 16.73 -17.72 -16.73
CA LYS A 199 17.57 -17.63 -15.59
C LYS A 199 19.07 -17.65 -15.97
N VAL A 200 19.60 -16.52 -16.37
CA VAL A 200 20.99 -16.41 -16.65
C VAL A 200 21.68 -16.43 -15.33
N LYS A 201 22.71 -17.27 -15.21
CA LYS A 201 23.40 -17.44 -14.00
C LYS A 201 24.50 -16.41 -13.76
N SER A 202 24.82 -16.21 -12.50
CA SER A 202 25.96 -15.42 -12.11
C SER A 202 27.20 -16.12 -12.63
N LEU A 203 28.14 -15.33 -13.09
CA LEU A 203 29.42 -15.84 -13.55
C LEU A 203 30.30 -16.40 -12.42
N ARG A 204 30.20 -15.79 -11.26
CA ARG A 204 30.98 -16.15 -10.12
C ARG A 204 30.33 -17.15 -9.19
N ASP A 205 29.03 -17.31 -9.30
CA ASP A 205 28.28 -18.28 -8.57
C ASP A 205 27.19 -18.85 -9.43
N PRO A 206 27.47 -19.92 -10.15
CA PRO A 206 26.53 -20.46 -11.13
C PRO A 206 25.25 -21.06 -10.55
N SER A 207 25.20 -21.21 -9.24
CA SER A 207 24.01 -21.63 -8.52
C SER A 207 22.93 -20.56 -8.43
N ALA A 208 23.38 -19.32 -8.55
CA ALA A 208 22.60 -18.12 -8.44
C ALA A 208 22.37 -17.41 -9.76
N LYS A 209 21.27 -16.72 -9.83
CA LYS A 209 20.98 -15.89 -10.94
C LYS A 209 21.79 -14.63 -10.89
N MET A 210 22.00 -14.08 -12.05
CA MET A 210 22.68 -12.82 -12.24
C MET A 210 21.75 -11.67 -11.83
N SER A 211 22.23 -10.76 -11.02
CA SER A 211 21.42 -9.71 -10.41
C SER A 211 22.05 -8.31 -10.37
N LYS A 212 21.23 -7.29 -10.57
CA LYS A 212 21.67 -5.92 -10.52
C LYS A 212 22.22 -5.59 -9.13
N SER A 213 21.69 -6.24 -8.12
CA SER A 213 22.05 -5.97 -6.78
C SER A 213 23.21 -6.79 -6.29
N ASP A 214 23.81 -7.59 -7.15
CA ASP A 214 24.92 -8.44 -6.74
C ASP A 214 26.06 -7.53 -6.45
N PRO A 215 26.61 -7.65 -5.27
CA PRO A 215 27.71 -6.78 -4.90
C PRO A 215 29.01 -7.17 -5.60
N ASP A 216 29.05 -8.35 -6.17
CA ASP A 216 30.25 -8.84 -6.82
C ASP A 216 30.24 -8.44 -8.28
N LYS A 217 31.03 -7.43 -8.63
CA LYS A 217 31.05 -6.82 -9.95
C LYS A 217 31.45 -7.81 -11.06
N LEU A 218 32.28 -8.77 -10.71
CA LEU A 218 32.75 -9.81 -11.60
C LEU A 218 31.61 -10.72 -12.10
N ALA A 219 30.61 -10.91 -11.25
CA ALA A 219 29.48 -11.82 -11.50
C ALA A 219 28.53 -11.40 -12.59
N THR A 220 28.48 -10.10 -12.80
CA THR A 220 27.47 -9.44 -13.55
C THR A 220 27.97 -8.72 -14.80
N VAL A 221 27.47 -9.15 -15.93
CA VAL A 221 27.80 -8.57 -17.17
C VAL A 221 26.84 -7.52 -17.57
N ARG A 222 27.31 -6.30 -17.41
CA ARG A 222 26.55 -5.13 -17.68
C ARG A 222 26.61 -4.61 -19.09
N ILE A 223 25.53 -4.02 -19.52
CA ILE A 223 25.39 -3.52 -20.84
C ILE A 223 26.43 -2.45 -21.16
N THR A 224 26.83 -1.71 -20.14
CA THR A 224 27.74 -0.61 -20.29
C THR A 224 29.21 -0.99 -20.04
N ASP A 225 29.49 -2.26 -19.85
CA ASP A 225 30.83 -2.71 -19.58
C ASP A 225 31.71 -2.57 -20.82
N SER A 226 32.96 -2.25 -20.62
CA SER A 226 33.90 -2.24 -21.69
C SER A 226 34.25 -3.64 -22.15
N PRO A 227 34.78 -3.73 -23.36
CA PRO A 227 35.21 -5.01 -23.88
C PRO A 227 36.24 -5.65 -22.99
N GLU A 228 37.15 -4.86 -22.53
CA GLU A 228 38.14 -5.33 -21.61
C GLU A 228 37.51 -5.89 -20.32
N GLU A 229 36.53 -5.16 -19.81
CA GLU A 229 35.82 -5.61 -18.63
C GLU A 229 35.10 -6.93 -18.83
N ILE A 230 34.39 -7.06 -19.93
CA ILE A 230 33.67 -8.26 -20.24
C ILE A 230 34.58 -9.49 -20.44
N VAL A 231 35.69 -9.32 -21.11
CA VAL A 231 36.60 -10.41 -21.31
C VAL A 231 37.10 -10.88 -19.97
N GLN A 232 37.44 -9.95 -19.14
CA GLN A 232 37.93 -10.29 -17.83
C GLN A 232 36.91 -11.05 -16.98
N LYS A 233 35.67 -10.63 -17.04
CA LYS A 233 34.64 -11.30 -16.27
C LYS A 233 34.49 -12.75 -16.73
N PHE A 234 34.49 -12.97 -18.02
CA PHE A 234 34.48 -14.30 -18.56
C PHE A 234 35.75 -15.08 -18.28
N ARG A 235 36.88 -14.43 -18.21
CA ARG A 235 38.10 -15.09 -17.79
C ARG A 235 37.98 -15.60 -16.37
N LYS A 236 37.35 -14.82 -15.52
CA LYS A 236 37.19 -15.16 -14.13
C LYS A 236 36.00 -16.05 -13.86
N ALA A 237 35.21 -16.30 -14.85
CA ALA A 237 34.00 -17.09 -14.66
C ALA A 237 34.26 -18.50 -14.18
N VAL A 238 33.48 -18.93 -13.19
CA VAL A 238 33.58 -20.25 -12.66
C VAL A 238 33.05 -21.29 -13.60
N THR A 239 33.86 -22.32 -13.81
CA THR A 239 33.51 -23.46 -14.61
C THR A 239 33.74 -24.74 -13.82
N ASP A 240 34.50 -25.64 -14.38
CA ASP A 240 34.87 -26.88 -13.76
C ASP A 240 36.20 -27.31 -14.34
N PHE A 241 36.65 -28.50 -14.00
CA PHE A 241 37.94 -28.97 -14.45
C PHE A 241 37.92 -29.94 -15.62
N THR A 242 36.81 -30.00 -16.29
CA THR A 242 36.75 -30.68 -17.54
C THR A 242 37.05 -29.73 -18.68
N SER A 243 37.99 -30.14 -19.51
CA SER A 243 38.50 -29.35 -20.63
C SER A 243 37.56 -29.07 -21.72
N GLU A 244 36.87 -30.10 -22.13
CA GLU A 244 35.97 -30.06 -23.24
C GLU A 244 34.75 -29.21 -22.93
N VAL A 245 34.19 -28.61 -23.95
CA VAL A 245 32.97 -27.86 -23.83
C VAL A 245 31.79 -28.74 -24.19
N THR A 246 30.87 -28.86 -23.24
CA THR A 246 29.62 -29.56 -23.40
C THR A 246 28.50 -28.78 -22.76
N TYR A 247 27.28 -29.12 -23.11
CA TYR A 247 26.09 -28.55 -22.45
C TYR A 247 25.47 -29.56 -21.54
N ASP A 248 25.55 -29.28 -20.25
CA ASP A 248 25.10 -30.18 -19.23
C ASP A 248 24.75 -29.43 -17.96
N PRO A 249 23.57 -28.85 -17.91
CA PRO A 249 23.23 -27.92 -16.83
C PRO A 249 23.21 -28.53 -15.45
N ALA A 250 22.77 -29.76 -15.34
CA ALA A 250 22.83 -30.43 -14.07
C ALA A 250 24.26 -30.71 -13.60
N GLY A 251 25.05 -31.25 -14.50
CA GLY A 251 26.46 -31.46 -14.34
C GLY A 251 27.46 -30.33 -14.33
N ARG A 252 27.29 -29.37 -15.23
CA ARG A 252 28.21 -28.30 -15.44
C ARG A 252 27.52 -26.99 -15.53
N ALA A 253 27.16 -26.45 -14.39
CA ALA A 253 26.34 -25.27 -14.35
C ALA A 253 26.97 -24.03 -14.99
N GLY A 254 28.20 -23.72 -14.63
CA GLY A 254 28.84 -22.58 -15.21
C GLY A 254 29.09 -22.68 -16.69
N VAL A 255 29.66 -23.78 -17.14
CA VAL A 255 29.89 -23.96 -18.54
C VAL A 255 28.59 -23.93 -19.33
N SER A 256 27.56 -24.57 -18.85
CA SER A 256 26.30 -24.60 -19.54
C SER A 256 25.66 -23.23 -19.65
N ASN A 257 25.82 -22.44 -18.60
CA ASN A 257 25.31 -21.09 -18.61
C ASN A 257 26.03 -20.26 -19.68
N ILE A 258 27.32 -20.43 -19.72
CA ILE A 258 28.11 -19.78 -20.71
C ILE A 258 27.77 -20.19 -22.14
N VAL A 259 27.56 -21.46 -22.36
CA VAL A 259 27.15 -21.96 -23.65
C VAL A 259 25.78 -21.42 -24.03
N ALA A 260 24.88 -21.43 -23.09
CA ALA A 260 23.54 -20.96 -23.36
C ALA A 260 23.54 -19.48 -23.74
N VAL A 261 24.36 -18.71 -23.07
CA VAL A 261 24.48 -17.34 -23.37
C VAL A 261 24.99 -17.18 -24.79
N HIS A 262 25.96 -17.97 -25.13
CA HIS A 262 26.57 -17.88 -26.42
C HIS A 262 25.54 -18.13 -27.50
N ALA A 263 24.76 -19.16 -27.30
CA ALA A 263 23.74 -19.51 -28.24
C ALA A 263 22.73 -18.38 -28.39
N ALA A 264 22.33 -17.80 -27.26
CA ALA A 264 21.37 -16.72 -27.30
C ALA A 264 21.81 -15.46 -28.00
N VAL A 265 23.01 -15.00 -27.71
CA VAL A 265 23.54 -13.83 -28.37
C VAL A 265 23.95 -14.02 -29.85
N THR A 266 24.16 -15.25 -30.29
CA THR A 266 24.52 -15.53 -31.67
C THR A 266 23.37 -15.96 -32.59
N GLY A 267 22.31 -16.45 -32.00
CA GLY A 267 21.23 -17.00 -32.75
C GLY A 267 21.44 -18.43 -33.21
N LEU A 268 22.53 -19.02 -32.80
CA LEU A 268 22.79 -20.42 -33.00
C LEU A 268 22.22 -21.25 -31.88
N SER A 269 21.97 -22.51 -32.17
CA SER A 269 21.58 -23.51 -31.18
C SER A 269 22.71 -23.91 -30.28
N VAL A 270 22.36 -24.43 -29.13
CA VAL A 270 23.33 -24.88 -28.17
C VAL A 270 24.13 -25.97 -28.86
N GLU A 271 23.43 -26.79 -29.63
CA GLU A 271 24.07 -27.93 -30.25
C GLU A 271 25.11 -27.47 -31.26
N GLU A 272 24.80 -26.46 -32.03
CA GLU A 272 25.75 -25.87 -32.96
C GLU A 272 26.96 -25.19 -32.31
N VAL A 273 26.77 -24.39 -31.29
CA VAL A 273 27.91 -23.81 -30.65
C VAL A 273 28.82 -24.84 -30.01
N VAL A 274 28.26 -25.90 -29.47
CA VAL A 274 29.09 -26.94 -28.93
C VAL A 274 29.90 -27.62 -30.03
N ARG A 275 29.25 -27.83 -31.14
CA ARG A 275 29.85 -28.43 -32.33
C ARG A 275 31.05 -27.62 -32.81
N ARG A 276 30.83 -26.33 -32.95
CA ARG A 276 31.82 -25.39 -33.43
C ARG A 276 33.00 -25.21 -32.51
N SER A 277 32.86 -25.64 -31.26
CA SER A 277 33.90 -25.48 -30.27
C SER A 277 34.74 -26.70 -30.07
N ALA A 278 34.54 -27.74 -30.86
CA ALA A 278 35.32 -28.95 -30.66
C ALA A 278 36.76 -28.60 -30.84
N GLY A 279 37.58 -29.13 -29.99
CA GLY A 279 38.97 -28.82 -30.01
C GLY A 279 39.38 -27.54 -29.32
N MET A 280 38.42 -26.81 -28.78
CA MET A 280 38.69 -25.62 -28.02
C MET A 280 38.44 -25.95 -26.55
N ASN A 281 39.31 -25.57 -25.64
CA ASN A 281 39.06 -25.81 -24.23
C ASN A 281 38.15 -24.71 -23.63
N THR A 282 37.66 -24.92 -22.41
CA THR A 282 36.73 -24.00 -21.82
C THR A 282 37.31 -22.65 -21.68
N ALA A 283 38.55 -22.60 -21.27
CA ALA A 283 39.17 -21.34 -20.97
C ALA A 283 39.20 -20.44 -22.19
N ARG A 284 39.56 -20.99 -23.32
CA ARG A 284 39.53 -20.28 -24.58
C ARG A 284 38.09 -19.96 -25.01
N TYR A 285 37.24 -20.93 -24.80
CA TYR A 285 35.86 -20.84 -25.22
C TYR A 285 35.15 -19.69 -24.52
N LYS A 286 35.47 -19.49 -23.26
CA LYS A 286 34.84 -18.47 -22.47
C LYS A 286 35.10 -17.08 -23.03
N LEU A 287 36.31 -16.84 -23.49
CA LEU A 287 36.67 -15.60 -24.15
C LEU A 287 35.97 -15.40 -25.48
N ALA A 288 35.67 -16.48 -26.15
CA ALA A 288 34.90 -16.41 -27.36
C ALA A 288 33.47 -15.89 -27.10
N VAL A 289 32.90 -16.41 -26.05
CA VAL A 289 31.57 -16.01 -25.64
C VAL A 289 31.58 -14.54 -25.26
N ALA A 290 32.62 -14.12 -24.58
CA ALA A 290 32.76 -12.74 -24.23
C ALA A 290 32.78 -11.83 -25.43
N ASP A 291 33.51 -12.24 -26.47
CA ASP A 291 33.55 -11.50 -27.70
C ASP A 291 32.15 -11.41 -28.32
N ALA A 292 31.41 -12.47 -28.26
CA ALA A 292 30.05 -12.49 -28.81
C ALA A 292 29.11 -11.52 -28.06
N VAL A 293 29.25 -11.47 -26.78
CA VAL A 293 28.49 -10.59 -25.91
C VAL A 293 28.84 -9.12 -26.18
N ILE A 294 30.11 -8.88 -26.36
CA ILE A 294 30.58 -7.58 -26.65
C ILE A 294 29.99 -7.10 -27.97
N GLU A 295 29.92 -7.95 -28.97
CA GLU A 295 29.35 -7.56 -30.22
C GLU A 295 27.87 -7.23 -30.11
N LYS A 296 27.13 -8.06 -29.40
CA LYS A 296 25.69 -7.82 -29.18
C LYS A 296 25.41 -6.50 -28.47
N PHE A 297 26.16 -6.22 -27.44
CA PHE A 297 26.05 -4.99 -26.71
C PHE A 297 26.52 -3.73 -27.40
N ALA A 298 27.43 -3.88 -28.33
CA ALA A 298 28.23 -2.77 -28.80
C ALA A 298 27.39 -1.62 -29.39
N PRO A 299 26.44 -1.89 -30.24
CA PRO A 299 25.57 -0.82 -30.77
C PRO A 299 24.69 -0.14 -29.67
N ILE A 300 24.29 -0.93 -28.71
CA ILE A 300 23.51 -0.43 -27.59
C ILE A 300 24.31 0.53 -26.74
N LYS A 301 25.53 0.17 -26.47
CA LYS A 301 26.41 1.03 -25.75
C LYS A 301 26.67 2.33 -26.48
N ARG A 302 26.79 2.28 -27.79
CA ARG A 302 27.06 3.47 -28.58
C ARG A 302 25.87 4.45 -28.43
N GLU A 303 24.68 3.93 -28.52
CA GLU A 303 23.46 4.72 -28.38
C GLU A 303 23.27 5.31 -26.99
N ILE A 304 23.57 4.54 -25.95
CA ILE A 304 23.49 5.00 -24.58
C ILE A 304 24.39 6.19 -24.39
N GLU A 305 25.56 6.13 -24.95
CA GLU A 305 26.53 7.14 -24.76
C GLU A 305 26.02 8.43 -25.39
N LYS A 306 25.32 8.32 -26.48
CA LYS A 306 24.69 9.45 -27.11
C LYS A 306 23.52 10.06 -26.29
N LEU A 307 22.64 9.21 -25.87
CA LEU A 307 21.47 9.56 -25.06
C LEU A 307 21.78 10.14 -23.71
N LYS A 308 22.85 9.73 -23.08
CA LYS A 308 23.15 10.14 -21.74
C LYS A 308 23.38 11.63 -21.68
N LEU A 309 23.64 12.22 -22.81
CA LEU A 309 24.03 13.60 -22.85
C LEU A 309 22.88 14.59 -22.92
N ASP A 310 21.66 14.11 -23.13
CA ASP A 310 20.49 14.95 -23.27
C ASP A 310 19.47 14.55 -22.23
N LYS A 311 19.62 15.05 -21.03
CA LYS A 311 18.78 14.72 -19.90
C LYS A 311 17.36 15.09 -20.16
N ASP A 312 17.17 16.19 -20.86
CA ASP A 312 15.87 16.77 -21.05
C ASP A 312 15.00 15.86 -21.89
N HIS A 313 15.58 15.32 -22.91
CA HIS A 313 14.88 14.41 -23.75
C HIS A 313 14.48 13.17 -22.98
N LEU A 314 15.35 12.66 -22.14
CA LEU A 314 15.04 11.47 -21.38
C LEU A 314 13.87 11.71 -20.41
N GLU A 315 13.87 12.85 -19.76
CA GLU A 315 12.82 13.28 -18.88
C GLU A 315 11.55 13.44 -19.64
N LYS A 316 11.60 14.03 -20.81
CA LYS A 316 10.44 14.25 -21.64
C LYS A 316 9.83 12.94 -22.11
N VAL A 317 10.67 11.98 -22.37
CA VAL A 317 10.20 10.71 -22.82
C VAL A 317 9.35 10.04 -21.76
N LEU A 318 9.82 10.04 -20.54
CA LEU A 318 9.11 9.44 -19.43
C LEU A 318 7.83 10.17 -19.11
N GLN A 319 7.88 11.48 -19.18
CA GLN A 319 6.73 12.33 -18.90
C GLN A 319 5.58 12.06 -19.84
N ILE A 320 5.86 12.01 -21.12
CA ILE A 320 4.87 11.69 -22.09
C ILE A 320 4.36 10.26 -21.95
N GLY A 321 5.23 9.31 -21.69
CA GLY A 321 4.83 7.95 -21.50
C GLY A 321 3.92 7.87 -20.29
N SER A 322 4.29 8.54 -19.24
CA SER A 322 3.56 8.52 -18.01
C SER A 322 2.14 9.12 -18.21
N ALA A 323 2.03 10.16 -19.00
CA ALA A 323 0.74 10.76 -19.33
C ALA A 323 -0.13 9.82 -20.11
N LYS A 324 0.45 9.08 -21.03
CA LYS A 324 -0.30 8.08 -21.76
C LYS A 324 -0.85 6.96 -20.87
N ALA A 325 -0.01 6.46 -19.99
CA ALA A 325 -0.38 5.42 -19.05
C ALA A 325 -1.47 5.88 -18.07
N LYS A 326 -1.32 7.08 -17.63
CA LYS A 326 -2.25 7.67 -16.70
C LYS A 326 -3.67 7.71 -17.28
N GLU A 327 -3.78 8.02 -18.56
CA GLU A 327 -5.04 8.05 -19.22
C GLU A 327 -5.67 6.70 -19.18
N LEU A 328 -4.91 5.68 -19.48
CA LEU A 328 -5.41 4.33 -19.46
C LEU A 328 -5.81 3.88 -18.06
N ALA A 329 -4.95 4.17 -17.12
CA ALA A 329 -5.12 3.75 -15.73
C ALA A 329 -6.31 4.39 -15.01
N TYR A 330 -6.50 5.66 -15.25
CA TYR A 330 -7.56 6.37 -14.62
C TYR A 330 -8.90 5.73 -14.96
N THR A 331 -9.08 5.39 -16.22
CA THR A 331 -10.31 4.83 -16.65
C THR A 331 -10.62 3.52 -15.96
N VAL A 332 -9.63 2.65 -15.88
CA VAL A 332 -9.78 1.37 -15.23
C VAL A 332 -10.03 1.50 -13.74
N CYS A 333 -9.31 2.38 -13.11
CA CYS A 333 -9.42 2.54 -11.69
C CYS A 333 -10.81 3.05 -11.32
N GLN A 334 -11.38 3.94 -12.11
CA GLN A 334 -12.74 4.40 -11.89
C GLN A 334 -13.74 3.30 -11.98
N GLU A 335 -13.58 2.42 -12.94
CA GLU A 335 -14.41 1.24 -13.05
C GLU A 335 -14.27 0.33 -11.82
N VAL A 336 -13.05 0.17 -11.32
CA VAL A 336 -12.80 -0.67 -10.19
C VAL A 336 -13.50 -0.12 -8.94
N LYS A 337 -13.41 1.17 -8.78
CA LYS A 337 -13.98 1.85 -7.65
C LYS A 337 -15.50 1.67 -7.63
N LYS A 338 -16.10 1.72 -8.78
CA LYS A 338 -17.52 1.47 -8.89
C LYS A 338 -17.91 0.06 -8.51
N LEU A 339 -17.14 -0.90 -8.94
CA LEU A 339 -17.41 -2.28 -8.62
C LEU A 339 -17.31 -2.61 -7.14
N VAL A 340 -16.28 -2.05 -6.52
CA VAL A 340 -15.98 -2.22 -5.13
C VAL A 340 -17.05 -1.57 -4.24
N GLY A 341 -17.57 -0.45 -4.69
CA GLY A 341 -18.55 0.28 -3.94
C GLY A 341 -18.15 1.66 -3.43
N PHE A 342 -16.96 2.08 -3.78
CA PHE A 342 -16.48 3.39 -3.46
C PHE A 342 -17.30 4.44 -4.18
N LEU A 343 -17.67 4.19 -5.42
CA LEU A 343 -18.45 5.12 -6.20
C LEU A 343 -19.77 4.50 -6.71
N LEU B 12 4.24 19.22 23.58
CA LEU B 12 5.11 18.42 22.72
C LEU B 12 4.97 18.86 21.31
N GLN B 13 3.77 19.27 20.90
CA GLN B 13 3.55 19.65 19.51
C GLN B 13 3.89 21.10 19.31
N LYS B 14 5.02 21.33 18.70
CA LYS B 14 5.47 22.67 18.55
C LYS B 14 5.80 23.08 17.11
N ASP B 15 5.05 22.55 16.17
CA ASP B 15 5.06 23.04 14.83
C ASP B 15 4.20 24.27 14.67
N SER B 16 4.54 25.15 13.77
CA SER B 16 3.78 26.34 13.58
C SER B 16 2.39 26.16 13.04
N LYS B 17 2.22 25.53 11.90
CA LYS B 17 0.93 25.29 11.38
C LYS B 17 0.28 24.06 12.02
N LYS B 18 -0.81 24.31 12.73
CA LYS B 18 -1.61 23.28 13.31
C LYS B 18 -2.65 22.76 12.33
N ARG B 19 -2.88 21.48 12.38
CA ARG B 19 -3.88 20.86 11.58
C ARG B 19 -4.43 19.64 12.28
N VAL B 20 -5.74 19.51 12.27
CA VAL B 20 -6.44 18.37 12.83
C VAL B 20 -6.78 17.39 11.71
N PHE B 21 -6.51 16.12 11.96
CA PHE B 21 -6.93 15.04 11.09
C PHE B 21 -7.58 13.92 11.88
N SER B 22 -8.68 13.40 11.40
CA SER B 22 -9.25 12.22 11.95
C SER B 22 -10.09 11.44 10.93
N GLY B 23 -10.22 10.16 11.12
CA GLY B 23 -10.98 9.33 10.23
C GLY B 23 -11.91 8.37 10.90
N ILE B 24 -12.99 8.02 10.21
CA ILE B 24 -13.92 7.04 10.65
C ILE B 24 -14.36 6.16 9.49
N GLN B 25 -14.44 4.88 9.76
CA GLN B 25 -14.93 3.90 8.84
C GLN B 25 -16.42 4.05 8.61
N PRO B 26 -16.81 4.03 7.34
CA PRO B 26 -18.21 4.18 6.97
C PRO B 26 -19.10 3.06 7.43
N THR B 27 -18.54 1.89 7.53
CA THR B 27 -19.24 0.69 7.85
C THR B 27 -19.71 0.63 9.29
N GLY B 28 -20.87 0.05 9.49
CA GLY B 28 -21.47 -0.04 10.79
C GLY B 28 -22.26 1.18 11.19
N ILE B 29 -22.89 1.10 12.34
CA ILE B 29 -23.72 2.19 12.83
C ILE B 29 -23.01 2.90 13.95
N LEU B 30 -22.86 4.18 13.82
CA LEU B 30 -22.16 4.95 14.79
C LEU B 30 -22.81 4.77 16.13
N HIS B 31 -21.99 4.66 17.15
CA HIS B 31 -22.40 4.31 18.47
C HIS B 31 -21.79 5.20 19.51
N LEU B 32 -22.16 4.98 20.75
CA LEU B 32 -21.84 5.89 21.84
C LEU B 32 -20.32 6.03 22.01
N GLY B 33 -19.61 4.95 21.85
CA GLY B 33 -18.17 4.98 21.90
C GLY B 33 -17.48 5.80 20.82
N ASN B 34 -17.93 5.71 19.58
CA ASN B 34 -17.44 6.58 18.53
C ASN B 34 -17.71 8.05 18.84
N TYR B 35 -18.90 8.32 19.34
CA TYR B 35 -19.34 9.67 19.61
C TYR B 35 -18.62 10.33 20.75
N LEU B 36 -18.55 9.65 21.87
CA LEU B 36 -17.83 10.13 23.01
C LEU B 36 -16.31 10.11 22.87
N GLY B 37 -15.80 9.09 22.24
CA GLY B 37 -14.40 8.96 21.98
C GLY B 37 -13.79 9.93 21.03
N ALA B 38 -14.52 10.22 19.98
CA ALA B 38 -14.03 10.96 18.85
C ALA B 38 -14.93 12.03 18.27
N ILE B 39 -16.12 11.66 17.82
CA ILE B 39 -16.92 12.53 17.01
C ILE B 39 -17.30 13.84 17.69
N GLU B 40 -17.59 13.77 18.98
CA GLU B 40 -18.00 14.93 19.72
C GLU B 40 -16.87 15.90 19.69
N SER B 41 -15.69 15.36 19.84
CA SER B 41 -14.42 16.09 19.80
C SER B 41 -14.27 16.85 18.48
N TRP B 42 -14.60 16.17 17.40
CA TRP B 42 -14.42 16.70 16.10
C TRP B 42 -15.21 17.93 15.90
N VAL B 43 -16.42 17.89 16.37
CA VAL B 43 -17.32 19.01 16.23
C VAL B 43 -16.80 20.26 16.93
N ARG B 44 -16.30 20.04 18.10
CA ARG B 44 -15.70 21.07 18.91
C ARG B 44 -14.42 21.62 18.31
N LEU B 45 -13.62 20.73 17.78
CA LEU B 45 -12.35 21.10 17.22
C LEU B 45 -12.48 22.03 16.03
N GLN B 46 -13.55 21.88 15.29
CA GLN B 46 -13.75 22.66 14.11
C GLN B 46 -13.89 24.16 14.40
N ASP B 47 -14.24 24.47 15.63
CA ASP B 47 -14.25 25.82 16.12
C ASP B 47 -12.93 26.27 16.76
N GLU B 48 -12.13 25.34 17.28
CA GLU B 48 -10.87 25.66 17.91
C GLU B 48 -9.65 25.74 16.99
N TYR B 49 -9.69 25.07 15.85
CA TYR B 49 -8.59 25.03 14.90
C TYR B 49 -8.99 25.56 13.53
N ASP B 50 -8.09 26.27 12.89
CA ASP B 50 -8.34 26.84 11.60
C ASP B 50 -8.41 25.85 10.47
N SER B 51 -7.75 24.72 10.65
CA SER B 51 -7.69 23.70 9.64
C SER B 51 -7.98 22.35 10.20
N VAL B 52 -9.05 21.78 9.73
CA VAL B 52 -9.52 20.51 10.19
C VAL B 52 -10.00 19.64 9.04
N LEU B 53 -9.54 18.39 9.04
CA LEU B 53 -9.89 17.40 8.05
C LEU B 53 -10.45 16.18 8.68
N TYR B 54 -11.60 15.79 8.18
CA TYR B 54 -12.28 14.60 8.63
C TYR B 54 -12.55 13.74 7.41
N SER B 55 -12.10 12.52 7.51
CA SER B 55 -12.16 11.58 6.41
C SER B 55 -13.01 10.37 6.70
N ILE B 56 -13.87 10.07 5.77
CA ILE B 56 -14.63 8.85 5.76
C ILE B 56 -13.70 7.86 5.03
N VAL B 57 -13.12 6.98 5.81
CA VAL B 57 -12.02 6.13 5.38
C VAL B 57 -12.48 4.77 4.82
N ASP B 58 -13.06 4.83 3.65
CA ASP B 58 -13.57 3.69 2.96
C ASP B 58 -12.49 2.62 2.61
N LEU B 59 -11.27 3.08 2.43
CA LEU B 59 -10.19 2.17 2.14
C LEU B 59 -9.96 1.26 3.31
N HIS B 60 -10.07 1.83 4.49
CA HIS B 60 -10.00 1.06 5.69
C HIS B 60 -11.10 0.07 5.89
N SER B 61 -12.29 0.43 5.53
CA SER B 61 -13.44 -0.57 5.65
CA SER B 61 -13.43 -0.57 5.65
C SER B 61 -13.32 -2.02 4.94
N ILE B 62 -12.64 -1.93 3.81
CA ILE B 62 -12.48 -3.07 2.97
C ILE B 62 -11.39 -4.00 3.46
N THR B 63 -10.79 -3.68 4.58
CA THR B 63 -9.91 -4.60 5.23
C THR B 63 -10.73 -5.77 5.75
N VAL B 64 -12.03 -5.59 5.76
CA VAL B 64 -13.02 -6.61 5.98
C VAL B 64 -13.85 -6.64 4.70
N PRO B 65 -14.01 -7.77 4.09
CA PRO B 65 -14.69 -7.77 2.80
C PRO B 65 -16.09 -7.24 2.94
N GLN B 66 -16.48 -6.40 2.01
CA GLN B 66 -17.75 -5.76 2.01
C GLN B 66 -18.53 -6.09 0.77
N ASP B 67 -19.84 -6.04 0.93
CA ASP B 67 -20.74 -6.03 -0.17
C ASP B 67 -20.77 -4.65 -0.72
N PRO B 68 -20.59 -4.52 -2.02
CA PRO B 68 -20.43 -3.20 -2.62
C PRO B 68 -21.66 -2.26 -2.41
N ALA B 69 -22.86 -2.79 -2.50
CA ALA B 69 -24.05 -2.03 -2.26
C ALA B 69 -24.09 -1.56 -0.82
N VAL B 70 -23.71 -2.42 0.08
CA VAL B 70 -23.69 -2.08 1.44
C VAL B 70 -22.68 -0.98 1.74
N LEU B 71 -21.50 -1.11 1.17
CA LEU B 71 -20.45 -0.16 1.37
C LEU B 71 -20.86 1.17 0.81
N ARG B 72 -21.35 1.16 -0.38
CA ARG B 72 -21.86 2.37 -1.05
CA ARG B 72 -21.86 2.37 -1.04
C ARG B 72 -22.90 3.38 -0.13
N GLN B 73 -23.84 2.60 0.34
CA GLN B 73 -24.88 3.10 1.21
C GLN B 73 -24.32 3.54 2.53
N SER B 74 -23.34 2.80 3.03
CA SER B 74 -22.67 3.13 4.26
C SER B 74 -21.96 4.44 4.22
N ILE B 75 -21.37 4.73 3.09
CA ILE B 75 -20.68 5.96 2.90
C ILE B 75 -21.64 7.14 2.95
N LEU B 76 -22.77 6.99 2.29
CA LEU B 76 -23.78 8.02 2.27
C LEU B 76 -24.34 8.24 3.70
N ASP B 77 -24.62 7.14 4.37
CA ASP B 77 -25.14 7.16 5.72
C ASP B 77 -24.19 7.80 6.71
N MET B 78 -22.89 7.48 6.62
CA MET B 78 -21.88 8.09 7.47
C MET B 78 -21.80 9.60 7.24
N THR B 79 -21.97 10.01 6.01
CA THR B 79 -21.96 11.40 5.69
C THR B 79 -23.15 12.12 6.39
N ALA B 80 -24.32 11.50 6.34
CA ALA B 80 -25.50 12.03 7.04
C ALA B 80 -25.32 12.11 8.55
N VAL B 81 -24.74 11.07 9.11
CA VAL B 81 -24.51 11.00 10.51
C VAL B 81 -23.57 12.09 10.98
N LEU B 82 -22.47 12.29 10.28
CA LEU B 82 -21.51 13.31 10.64
C LEU B 82 -22.03 14.74 10.52
N LEU B 83 -22.77 14.99 9.49
CA LEU B 83 -23.35 16.28 9.31
C LEU B 83 -24.36 16.54 10.44
N ALA B 84 -25.10 15.53 10.76
CA ALA B 84 -26.10 15.57 11.82
C ALA B 84 -25.51 15.82 13.19
N CYS B 85 -24.36 15.24 13.43
CA CYS B 85 -23.62 15.40 14.64
C CYS B 85 -23.09 16.82 14.74
N GLY B 86 -23.08 17.54 13.66
CA GLY B 86 -22.61 18.89 13.62
C GLY B 86 -21.32 19.20 12.90
N ILE B 87 -20.78 18.25 12.17
CA ILE B 87 -19.67 18.56 11.28
C ILE B 87 -20.16 19.49 10.20
N ASN B 88 -19.50 20.61 10.09
CA ASN B 88 -19.82 21.63 9.14
C ASN B 88 -18.80 21.75 8.03
N PRO B 89 -19.25 21.47 6.82
CA PRO B 89 -18.37 21.39 5.66
C PRO B 89 -17.81 22.70 5.15
N GLU B 90 -18.29 23.81 5.64
CA GLU B 90 -17.62 25.05 5.40
C GLU B 90 -16.64 25.42 6.46
N LYS B 91 -16.62 24.70 7.57
CA LYS B 91 -15.62 24.85 8.62
C LYS B 91 -14.51 23.81 8.57
N SER B 92 -14.87 22.60 8.26
CA SER B 92 -13.91 21.55 8.10
C SER B 92 -13.97 21.00 6.69
N ILE B 93 -12.96 20.23 6.32
CA ILE B 93 -12.96 19.48 5.11
C ILE B 93 -13.44 18.06 5.41
N LEU B 94 -14.61 17.74 4.91
CA LEU B 94 -15.16 16.45 5.02
C LEU B 94 -15.10 15.76 3.68
N PHE B 95 -14.33 14.70 3.64
CA PHE B 95 -13.95 14.04 2.42
C PHE B 95 -13.91 12.50 2.43
N GLN B 96 -13.85 11.90 1.25
CA GLN B 96 -13.80 10.48 1.06
C GLN B 96 -12.36 10.04 0.74
N GLN B 97 -11.85 9.15 1.54
CA GLN B 97 -10.46 8.79 1.51
C GLN B 97 -10.07 8.26 0.13
N SER B 98 -10.89 7.43 -0.44
CA SER B 98 -10.60 6.77 -1.70
C SER B 98 -10.46 7.70 -2.89
N GLN B 99 -11.02 8.90 -2.79
CA GLN B 99 -11.03 9.88 -3.85
C GLN B 99 -9.71 10.64 -3.97
N VAL B 100 -8.86 10.41 -2.99
CA VAL B 100 -7.58 11.05 -2.98
C VAL B 100 -6.45 9.99 -3.07
N SER B 101 -5.91 9.83 -4.26
CA SER B 101 -4.96 8.79 -4.61
C SER B 101 -3.70 8.81 -3.81
N GLU B 102 -3.34 9.97 -3.33
CA GLU B 102 -2.13 10.20 -2.61
C GLU B 102 -1.98 9.36 -1.33
N HIS B 103 -3.08 8.94 -0.74
CA HIS B 103 -3.02 8.27 0.51
C HIS B 103 -2.26 6.97 0.36
N THR B 104 -2.64 6.20 -0.64
CA THR B 104 -1.99 4.93 -0.93
C THR B 104 -0.56 5.11 -1.45
N GLN B 105 -0.40 6.17 -2.19
CA GLN B 105 1.03 6.54 -2.62
CA GLN B 105 1.03 6.54 -2.62
C GLN B 105 2.15 6.75 -1.47
N LEU B 106 1.66 7.55 -0.54
CA LEU B 106 2.37 7.76 0.70
C LEU B 106 2.44 6.49 1.54
N SER B 107 1.38 5.73 1.56
CA SER B 107 1.33 4.51 2.32
C SER B 107 2.40 3.53 1.84
N TRP B 108 2.55 3.42 0.53
CA TRP B 108 3.57 2.54 -0.01
C TRP B 108 4.94 2.94 0.45
N ILE B 109 5.24 4.21 0.35
CA ILE B 109 6.52 4.71 0.76
C ILE B 109 6.83 4.41 2.22
N LEU B 110 5.86 4.63 3.10
CA LEU B 110 5.99 4.33 4.50
C LEU B 110 6.14 2.84 4.75
N SER B 111 5.45 2.03 3.99
CA SER B 111 5.57 0.59 4.15
C SER B 111 6.99 0.10 3.82
N CYS B 112 7.73 0.91 3.07
CA CYS B 112 9.11 0.63 2.77
C CYS B 112 10.03 1.07 3.90
N MET B 113 9.44 1.59 4.95
CA MET B 113 10.21 2.01 6.08
C MET B 113 9.80 1.37 7.39
N VAL B 114 9.15 0.23 7.30
CA VAL B 114 8.71 -0.48 8.44
C VAL B 114 8.87 -1.98 8.24
N ARG B 115 9.18 -2.69 9.31
CA ARG B 115 9.41 -4.12 9.28
C ARG B 115 8.21 -4.94 9.77
N LEU B 116 8.13 -6.17 9.33
CA LEU B 116 6.96 -6.98 9.56
C LEU B 116 6.64 -7.23 11.01
N PRO B 117 7.65 -7.48 11.83
CA PRO B 117 7.39 -7.76 13.25
C PRO B 117 6.71 -6.60 14.00
N ARG B 118 7.04 -5.40 13.62
CA ARG B 118 6.46 -4.22 14.22
C ARG B 118 4.97 -4.26 14.00
N LEU B 119 4.52 -4.53 12.81
CA LEU B 119 3.11 -4.72 12.52
C LEU B 119 2.43 -5.92 13.15
N GLN B 120 3.12 -7.03 13.21
CA GLN B 120 2.60 -8.27 13.76
C GLN B 120 2.27 -8.23 15.27
N HIS B 121 2.98 -7.37 15.96
CA HIS B 121 2.91 -7.27 17.37
C HIS B 121 1.86 -6.31 17.87
N LEU B 122 1.21 -5.61 16.96
CA LEU B 122 0.19 -4.66 17.31
C LEU B 122 -1.06 -5.35 17.81
N HIS B 123 -1.66 -4.78 18.85
CA HIS B 123 -2.77 -5.43 19.48
C HIS B 123 -3.96 -5.61 18.59
N GLN B 124 -4.27 -4.66 17.76
CA GLN B 124 -5.42 -4.79 16.90
C GLN B 124 -5.32 -5.94 15.94
N TRP B 125 -4.17 -6.12 15.36
CA TRP B 125 -3.93 -7.19 14.47
C TRP B 125 -4.08 -8.52 15.16
N LYS B 126 -3.47 -8.62 16.31
CA LYS B 126 -3.52 -9.82 17.12
C LYS B 126 -4.90 -10.17 17.58
N ALA B 127 -5.66 -9.17 17.95
CA ALA B 127 -7.04 -9.34 18.34
C ALA B 127 -7.99 -9.82 17.25
N LYS B 128 -7.91 -9.21 16.06
CA LYS B 128 -8.70 -9.63 14.91
C LYS B 128 -8.29 -11.02 14.41
N THR B 129 -7.03 -11.35 14.54
CA THR B 129 -6.52 -12.59 14.01
C THR B 129 -6.36 -13.73 15.02
N THR B 130 -7.20 -13.73 16.04
CA THR B 130 -7.21 -14.76 17.04
C THR B 130 -8.63 -15.15 17.31
N GLY B 136 -6.32 -13.59 8.13
CA GLY B 136 -6.11 -12.16 8.22
C GLY B 136 -5.26 -11.63 7.06
N THR B 137 -5.71 -10.54 6.48
CA THR B 137 -5.10 -10.03 5.29
C THR B 137 -3.95 -9.05 5.43
N VAL B 138 -3.24 -8.87 4.31
CA VAL B 138 -2.19 -7.90 4.19
C VAL B 138 -2.73 -6.50 4.39
N GLY B 139 -3.89 -6.24 3.86
CA GLY B 139 -4.51 -4.97 4.07
C GLY B 139 -4.83 -4.73 5.53
N LEU B 140 -5.34 -5.71 6.22
CA LEU B 140 -5.60 -5.58 7.62
C LEU B 140 -4.32 -5.35 8.40
N LEU B 141 -3.30 -6.10 8.07
CA LEU B 141 -2.02 -6.00 8.71
C LEU B 141 -1.43 -4.60 8.60
N THR B 142 -1.59 -4.01 7.45
CA THR B 142 -0.99 -2.76 7.08
C THR B 142 -1.87 -1.52 7.17
N TYR B 143 -3.06 -1.64 7.72
CA TYR B 143 -3.90 -0.48 7.89
C TYR B 143 -3.27 0.62 8.72
N PRO B 144 -2.48 0.26 9.71
CA PRO B 144 -1.80 1.29 10.51
C PRO B 144 -0.84 2.15 9.69
N VAL B 145 -0.21 1.53 8.71
CA VAL B 145 0.60 2.24 7.79
C VAL B 145 -0.23 3.22 6.93
N LEU B 146 -1.36 2.80 6.42
CA LEU B 146 -2.25 3.65 5.69
C LEU B 146 -2.72 4.78 6.61
N GLN B 147 -2.97 4.45 7.86
CA GLN B 147 -3.43 5.42 8.86
C GLN B 147 -2.41 6.52 9.05
N ALA B 148 -1.17 6.13 9.12
CA ALA B 148 -0.09 7.06 9.18
C ALA B 148 -0.04 7.94 7.96
N ALA B 149 -0.21 7.34 6.80
CA ALA B 149 -0.23 8.08 5.57
C ALA B 149 -1.37 9.09 5.53
N ASP B 150 -2.51 8.66 6.02
CA ASP B 150 -3.71 9.48 6.04
C ASP B 150 -3.42 10.77 6.81
N ILE B 151 -2.80 10.61 7.97
CA ILE B 151 -2.43 11.71 8.83
C ILE B 151 -1.30 12.59 8.32
N LEU B 152 -0.20 11.95 7.96
CA LEU B 152 1.03 12.60 7.51
C LEU B 152 0.93 13.37 6.18
N LEU B 153 0.05 12.90 5.33
CA LEU B 153 -0.14 13.41 4.01
C LEU B 153 -0.50 14.90 4.01
N TYR B 154 -1.17 15.31 5.09
CA TYR B 154 -1.66 16.65 5.25
C TYR B 154 -0.84 17.47 6.28
N LYS B 155 0.25 16.86 6.71
CA LYS B 155 1.14 17.42 7.70
C LYS B 155 0.38 17.79 8.96
N SER B 156 -0.48 16.90 9.35
CA SER B 156 -1.36 17.06 10.48
C SER B 156 -0.58 16.99 11.78
N THR B 157 -1.05 17.78 12.75
CA THR B 157 -0.46 17.90 14.05
C THR B 157 -1.21 17.29 15.19
N HIS B 158 -2.53 17.21 15.06
CA HIS B 158 -3.41 16.70 16.06
C HIS B 158 -4.41 15.70 15.53
N VAL B 159 -4.54 14.58 16.22
CA VAL B 159 -5.35 13.46 15.82
C VAL B 159 -6.23 12.90 16.95
N PRO B 160 -7.49 13.24 16.85
CA PRO B 160 -8.47 12.71 17.80
C PRO B 160 -8.85 11.30 17.46
N VAL B 161 -8.63 10.44 18.43
CA VAL B 161 -8.88 9.04 18.37
C VAL B 161 -9.30 8.49 19.74
N GLY B 162 -9.96 7.35 19.71
CA GLY B 162 -10.12 6.52 20.87
C GLY B 162 -8.87 5.77 21.32
N GLU B 163 -8.94 5.17 22.49
CA GLU B 163 -7.81 4.51 23.13
C GLU B 163 -7.22 3.36 22.33
N ASP B 164 -8.09 2.68 21.62
CA ASP B 164 -7.75 1.51 20.86
C ASP B 164 -6.74 1.81 19.74
N GLN B 165 -6.68 3.07 19.35
CA GLN B 165 -5.77 3.54 18.33
C GLN B 165 -4.50 4.21 18.83
N VAL B 166 -4.32 4.27 20.12
CA VAL B 166 -3.16 4.95 20.70
C VAL B 166 -1.84 4.27 20.27
N GLN B 167 -1.83 2.96 20.28
CA GLN B 167 -0.66 2.21 19.87
C GLN B 167 -0.31 2.50 18.42
N HIS B 168 -1.31 2.58 17.58
CA HIS B 168 -1.12 2.97 16.21
C HIS B 168 -0.52 4.35 16.08
N MET B 169 -0.97 5.29 16.88
CA MET B 169 -0.47 6.64 16.88
C MET B 169 1.03 6.72 17.22
N GLU B 170 1.50 5.86 18.11
CA GLU B 170 2.92 5.76 18.44
C GLU B 170 3.73 5.31 17.20
N LEU B 171 3.16 4.42 16.42
CA LEU B 171 3.71 4.05 15.12
C LEU B 171 3.73 5.18 14.11
N VAL B 172 2.69 5.97 14.06
CA VAL B 172 2.63 7.11 13.20
C VAL B 172 3.74 8.10 13.52
N GLN B 173 3.97 8.35 14.79
CA GLN B 173 5.02 9.25 15.23
C GLN B 173 6.42 8.69 14.83
N ASP B 174 6.61 7.42 15.04
CA ASP B 174 7.85 6.74 14.67
C ASP B 174 8.10 6.83 13.17
N LEU B 175 7.11 6.61 12.35
CA LEU B 175 7.18 6.76 10.90
C LEU B 175 7.49 8.16 10.41
N ALA B 176 6.91 9.15 11.02
CA ALA B 176 7.25 10.52 10.69
C ALA B 176 8.68 10.83 11.01
N GLN B 177 9.10 10.41 12.19
CA GLN B 177 10.46 10.58 12.64
C GLN B 177 11.48 9.86 11.75
N GLY B 178 11.12 8.66 11.32
CA GLY B 178 11.95 7.86 10.47
C GLY B 178 12.20 8.49 9.11
N PHE B 179 11.14 9.00 8.55
CA PHE B 179 11.17 9.72 7.31
C PHE B 179 12.00 10.98 7.46
N ASN B 180 11.78 11.70 8.53
CA ASN B 180 12.48 12.92 8.78
C ASN B 180 13.98 12.70 8.94
N LYS B 181 14.33 11.63 9.58
CA LYS B 181 15.70 11.31 9.87
C LYS B 181 16.42 11.11 8.54
N LYS B 182 15.77 10.40 7.65
CA LYS B 182 16.29 10.18 6.32
C LYS B 182 16.35 11.35 5.36
N TYR B 183 15.30 12.14 5.30
CA TYR B 183 15.14 13.12 4.26
C TYR B 183 15.15 14.55 4.73
N GLY B 184 15.29 14.75 6.01
CA GLY B 184 15.15 16.04 6.59
C GLY B 184 13.78 16.31 7.18
N GLU B 185 13.68 17.33 8.02
CA GLU B 185 12.45 17.51 8.74
C GLU B 185 11.43 17.94 7.73
N PHE B 186 10.46 17.09 7.54
CA PHE B 186 9.39 17.35 6.65
C PHE B 186 8.00 17.21 7.27
N PHE B 187 7.81 16.13 8.00
CA PHE B 187 6.56 15.85 8.67
C PHE B 187 6.55 16.26 10.13
N PRO B 188 5.52 17.00 10.51
CA PRO B 188 5.26 17.21 11.91
C PRO B 188 4.99 15.88 12.55
N VAL B 189 5.45 15.73 13.75
CA VAL B 189 5.18 14.58 14.54
C VAL B 189 3.87 14.83 15.31
N PRO B 190 2.83 14.04 14.81
CA PRO B 190 1.52 14.39 15.38
C PRO B 190 1.31 13.93 16.77
N GLU B 191 0.39 14.58 17.43
CA GLU B 191 -0.21 14.22 18.80
CA GLU B 191 -0.21 14.20 18.80
C GLU B 191 -1.72 13.67 18.85
N SER B 192 -1.96 12.63 19.59
CA SER B 192 -3.28 12.17 19.86
C SER B 192 -4.04 13.19 20.70
N ILE B 193 -5.32 13.35 20.41
CA ILE B 193 -6.25 13.96 21.32
C ILE B 193 -7.21 12.90 21.81
N LEU B 194 -7.22 12.75 23.10
CA LEU B 194 -8.03 11.80 23.80
C LEU B 194 -9.03 12.49 24.72
N THR B 195 -10.21 11.96 24.77
CA THR B 195 -11.25 12.36 25.70
C THR B 195 -11.28 11.51 26.96
N SER B 196 -12.10 11.91 27.92
CA SER B 196 -12.32 11.10 29.08
C SER B 196 -12.95 9.80 28.68
N MET B 197 -13.72 9.83 27.63
CA MET B 197 -14.41 8.67 27.15
C MET B 197 -13.67 7.93 26.02
N LYS B 198 -12.38 7.80 26.18
CA LYS B 198 -11.52 7.19 25.19
C LYS B 198 -11.79 5.71 24.96
N LYS B 199 -12.33 5.04 25.99
CA LYS B 199 -12.77 3.68 25.90
C LYS B 199 -14.16 3.47 26.55
N VAL B 200 -15.21 3.81 25.82
CA VAL B 200 -16.54 3.49 26.26
C VAL B 200 -16.69 2.00 26.20
N LYS B 201 -17.14 1.40 27.30
CA LYS B 201 -17.30 -0.04 27.39
C LYS B 201 -18.59 -0.61 26.81
N SER B 202 -18.49 -1.86 26.43
CA SER B 202 -19.63 -2.62 25.98
C SER B 202 -20.54 -2.71 27.19
N LEU B 203 -21.81 -2.46 26.98
CA LEU B 203 -22.79 -2.62 28.05
C LEU B 203 -22.94 -4.03 28.54
N ARG B 204 -22.67 -5.02 27.71
CA ARG B 204 -22.80 -6.41 28.08
C ARG B 204 -21.53 -7.11 28.51
N ASP B 205 -20.39 -6.52 28.16
CA ASP B 205 -19.06 -6.96 28.56
C ASP B 205 -18.23 -5.75 28.88
N PRO B 206 -18.22 -5.33 30.12
CA PRO B 206 -17.52 -4.11 30.55
C PRO B 206 -16.01 -4.15 30.44
N SER B 207 -15.47 -5.31 30.16
CA SER B 207 -14.07 -5.44 29.92
C SER B 207 -13.68 -5.11 28.48
N ALA B 208 -14.64 -4.96 27.61
CA ALA B 208 -14.41 -4.73 26.22
C ALA B 208 -14.95 -3.39 25.80
N LYS B 209 -14.38 -2.78 24.78
CA LYS B 209 -14.89 -1.56 24.27
C LYS B 209 -16.13 -1.81 23.46
N MET B 210 -16.94 -0.79 23.37
CA MET B 210 -18.11 -0.81 22.54
C MET B 210 -17.62 -0.69 21.07
N SER B 211 -18.16 -1.54 20.21
CA SER B 211 -17.73 -1.62 18.81
C SER B 211 -18.81 -1.77 17.77
N LYS B 212 -18.63 -1.17 16.62
CA LYS B 212 -19.57 -1.28 15.52
C LYS B 212 -19.68 -2.72 15.10
N SER B 213 -18.60 -3.45 15.23
CA SER B 213 -18.49 -4.79 14.77
C SER B 213 -18.96 -5.82 15.77
N ASP B 214 -19.39 -5.36 16.93
CA ASP B 214 -19.88 -6.25 17.95
C ASP B 214 -21.21 -6.82 17.54
N PRO B 215 -21.28 -8.13 17.46
CA PRO B 215 -22.48 -8.82 17.00
C PRO B 215 -23.70 -8.66 17.92
N ASP B 216 -23.45 -8.36 19.18
CA ASP B 216 -24.46 -8.36 20.22
C ASP B 216 -25.10 -7.01 20.27
N LYS B 217 -26.30 -6.90 19.73
CA LYS B 217 -26.92 -5.62 19.54
C LYS B 217 -27.13 -4.92 20.89
N LEU B 218 -27.29 -5.68 21.95
CA LEU B 218 -27.52 -5.16 23.29
C LEU B 218 -26.33 -4.41 23.94
N ALA B 219 -25.12 -4.78 23.50
CA ALA B 219 -23.90 -4.19 23.99
C ALA B 219 -23.71 -2.78 23.49
N THR B 220 -24.34 -2.48 22.38
CA THR B 220 -24.10 -1.29 21.64
C THR B 220 -25.20 -0.29 21.54
N VAL B 221 -24.91 0.89 22.00
CA VAL B 221 -25.84 1.96 21.98
C VAL B 221 -25.62 2.80 20.78
N ARG B 222 -26.49 2.62 19.84
CA ARG B 222 -26.44 3.27 18.56
C ARG B 222 -27.16 4.57 18.47
N ILE B 223 -26.64 5.42 17.62
CA ILE B 223 -27.11 6.76 17.43
C ILE B 223 -28.52 6.80 16.91
N THR B 224 -28.90 5.75 16.21
CA THR B 224 -30.21 5.61 15.60
C THR B 224 -31.16 4.74 16.44
N ASP B 225 -30.73 4.34 17.62
CA ASP B 225 -31.55 3.50 18.46
C ASP B 225 -32.75 4.31 18.94
N SER B 226 -33.81 3.59 19.20
CA SER B 226 -35.03 4.19 19.73
C SER B 226 -34.89 4.38 21.20
N PRO B 227 -35.74 5.23 21.76
CA PRO B 227 -35.72 5.39 23.20
C PRO B 227 -36.02 4.12 23.92
N GLU B 228 -36.98 3.34 23.47
CA GLU B 228 -37.24 2.07 24.10
C GLU B 228 -36.03 1.15 24.02
N GLU B 229 -35.35 1.15 22.88
CA GLU B 229 -34.16 0.31 22.70
C GLU B 229 -33.03 0.71 23.62
N ILE B 230 -32.80 2.00 23.73
CA ILE B 230 -31.77 2.50 24.61
C ILE B 230 -32.06 2.20 26.07
N VAL B 231 -33.29 2.41 26.50
CA VAL B 231 -33.64 2.07 27.86
C VAL B 231 -33.43 0.61 28.15
N GLN B 232 -33.81 -0.26 27.23
CA GLN B 232 -33.61 -1.67 27.43
C GLN B 232 -32.16 -2.09 27.57
N LYS B 233 -31.30 -1.45 26.78
CA LYS B 233 -29.90 -1.77 26.77
C LYS B 233 -29.26 -1.42 28.08
N PHE B 234 -29.57 -0.26 28.62
CA PHE B 234 -29.12 0.10 29.95
C PHE B 234 -29.67 -0.79 31.08
N ARG B 235 -30.91 -1.19 30.94
CA ARG B 235 -31.57 -2.13 31.85
C ARG B 235 -30.90 -3.47 31.86
N LYS B 236 -30.46 -3.89 30.69
CA LYS B 236 -29.77 -5.16 30.56
C LYS B 236 -28.25 -5.06 30.78
N ALA B 237 -27.75 -3.88 30.95
CA ALA B 237 -26.33 -3.69 31.12
C ALA B 237 -25.81 -4.46 32.27
N VAL B 238 -24.71 -5.13 32.05
CA VAL B 238 -24.05 -5.91 33.07
C VAL B 238 -23.36 -5.05 34.14
N THR B 239 -23.56 -5.44 35.38
CA THR B 239 -22.95 -4.77 36.49
C THR B 239 -23.01 -5.59 37.73
N ASP B 240 -22.40 -5.08 38.76
CA ASP B 240 -22.45 -5.73 40.02
C ASP B 240 -23.76 -5.46 40.73
N PHE B 241 -23.89 -6.10 41.88
CA PHE B 241 -25.07 -6.04 42.68
C PHE B 241 -24.91 -5.29 43.96
N THR B 242 -23.97 -4.38 43.99
CA THR B 242 -23.84 -3.44 45.07
C THR B 242 -24.81 -2.33 44.76
N SER B 243 -25.65 -1.99 45.72
CA SER B 243 -26.74 -1.05 45.54
C SER B 243 -26.34 0.37 45.25
N GLU B 244 -25.38 0.90 45.97
CA GLU B 244 -24.99 2.30 45.82
C GLU B 244 -24.26 2.56 44.51
N VAL B 245 -24.34 3.79 44.02
CA VAL B 245 -23.65 4.19 42.83
C VAL B 245 -22.33 4.85 43.21
N THR B 246 -21.23 4.26 42.76
CA THR B 246 -19.91 4.80 42.92
C THR B 246 -19.02 4.73 41.66
N TYR B 247 -17.98 5.53 41.64
CA TYR B 247 -16.97 5.42 40.61
C TYR B 247 -15.78 4.64 41.10
N ASP B 248 -15.57 3.47 40.55
CA ASP B 248 -14.46 2.60 40.86
C ASP B 248 -14.17 1.70 39.68
N PRO B 249 -13.36 2.18 38.75
CA PRO B 249 -13.11 1.42 37.52
C PRO B 249 -12.43 0.10 37.73
N ALA B 250 -11.52 0.01 38.66
CA ALA B 250 -10.90 -1.25 38.94
C ALA B 250 -11.83 -2.27 39.51
N GLY B 251 -12.63 -1.85 40.48
CA GLY B 251 -13.50 -2.75 41.19
C GLY B 251 -14.92 -2.90 40.70
N ARG B 252 -15.42 -1.89 40.02
CA ARG B 252 -16.76 -1.84 39.46
C ARG B 252 -16.77 -1.35 38.01
N ALA B 253 -16.31 -2.18 37.10
CA ALA B 253 -16.14 -1.72 35.72
C ALA B 253 -17.40 -1.31 35.01
N GLY B 254 -18.45 -2.07 35.11
CA GLY B 254 -19.70 -1.69 34.47
C GLY B 254 -20.42 -0.47 34.94
N VAL B 255 -20.53 -0.34 36.24
CA VAL B 255 -21.13 0.83 36.81
C VAL B 255 -20.33 2.06 36.48
N SER B 256 -19.03 1.95 36.55
CA SER B 256 -18.17 3.10 36.32
C SER B 256 -18.26 3.60 34.90
N ASN B 257 -18.41 2.71 33.97
CA ASN B 257 -18.59 3.07 32.57
C ASN B 257 -19.88 3.89 32.37
N ILE B 258 -20.95 3.44 32.99
CA ILE B 258 -22.23 4.10 32.95
C ILE B 258 -22.16 5.47 33.59
N VAL B 259 -21.48 5.57 34.71
CA VAL B 259 -21.27 6.85 35.39
C VAL B 259 -20.48 7.83 34.49
N ALA B 260 -19.42 7.33 33.93
CA ALA B 260 -18.62 8.11 33.01
C ALA B 260 -19.39 8.59 31.82
N VAL B 261 -20.24 7.76 31.24
CA VAL B 261 -21.10 8.21 30.14
C VAL B 261 -22.02 9.32 30.58
N HIS B 262 -22.57 9.16 31.76
CA HIS B 262 -23.54 10.09 32.26
C HIS B 262 -22.92 11.42 32.39
N ALA B 263 -21.77 11.41 32.99
CA ALA B 263 -21.03 12.64 33.13
C ALA B 263 -20.72 13.25 31.78
N ALA B 264 -20.26 12.48 30.83
CA ALA B 264 -19.95 13.00 29.51
C ALA B 264 -21.14 13.59 28.78
N VAL B 265 -22.25 12.91 28.77
CA VAL B 265 -23.41 13.43 28.08
C VAL B 265 -24.00 14.67 28.70
N THR B 266 -24.01 14.74 30.02
CA THR B 266 -24.54 15.86 30.78
C THR B 266 -23.74 17.14 30.82
N GLY B 267 -22.44 16.97 30.83
CA GLY B 267 -21.50 18.06 31.03
C GLY B 267 -21.10 18.23 32.46
N LEU B 268 -21.55 17.33 33.30
CA LEU B 268 -21.22 17.33 34.70
C LEU B 268 -20.08 16.43 34.96
N SER B 269 -19.41 16.61 36.09
CA SER B 269 -18.30 15.78 36.46
C SER B 269 -18.71 14.44 37.04
N VAL B 270 -17.81 13.48 37.04
CA VAL B 270 -18.12 12.19 37.61
C VAL B 270 -18.45 12.37 39.08
N GLU B 271 -17.68 13.19 39.75
CA GLU B 271 -17.85 13.39 41.16
C GLU B 271 -19.23 13.97 41.40
N GLU B 272 -19.66 14.90 40.59
CA GLU B 272 -21.00 15.41 40.71
C GLU B 272 -22.14 14.46 40.48
N VAL B 273 -22.08 13.63 39.46
CA VAL B 273 -23.16 12.72 39.19
C VAL B 273 -23.30 11.70 40.29
N VAL B 274 -22.20 11.29 40.87
CA VAL B 274 -22.25 10.35 41.94
C VAL B 274 -23.00 10.97 43.14
N ARG B 275 -22.71 12.21 43.47
CA ARG B 275 -23.32 12.84 44.60
C ARG B 275 -24.79 13.04 44.41
N ARG B 276 -25.19 13.49 43.25
CA ARG B 276 -26.59 13.63 42.93
C ARG B 276 -27.36 12.34 42.93
N SER B 277 -26.68 11.24 42.73
CA SER B 277 -27.31 9.96 42.70
C SER B 277 -27.40 9.30 44.05
N ALA B 278 -26.99 10.03 45.05
CA ALA B 278 -27.05 9.53 46.39
C ALA B 278 -28.51 9.22 46.66
N GLY B 279 -28.76 8.07 47.26
CA GLY B 279 -30.11 7.63 47.41
C GLY B 279 -30.72 6.99 46.22
N MET B 280 -29.92 6.64 45.24
CA MET B 280 -30.46 5.98 44.08
C MET B 280 -29.86 4.61 43.92
N ASN B 281 -30.71 3.64 43.66
CA ASN B 281 -30.24 2.32 43.36
C ASN B 281 -29.67 2.27 41.93
N THR B 282 -28.86 1.27 41.66
CA THR B 282 -28.17 1.16 40.41
C THR B 282 -29.16 0.98 39.31
N ALA B 283 -30.19 0.21 39.56
CA ALA B 283 -31.15 -0.05 38.53
C ALA B 283 -31.82 1.20 38.05
N ARG B 284 -32.34 2.03 38.93
CA ARG B 284 -32.95 3.27 38.51
C ARG B 284 -31.90 4.16 37.92
N TYR B 285 -30.70 4.14 38.47
CA TYR B 285 -29.64 5.02 37.99
C TYR B 285 -29.30 4.76 36.50
N LYS B 286 -29.21 3.52 36.13
CA LYS B 286 -28.89 3.16 34.76
C LYS B 286 -29.88 3.73 33.79
N LEU B 287 -31.15 3.68 34.14
CA LEU B 287 -32.19 4.21 33.28
C LEU B 287 -32.18 5.71 33.16
N ALA B 288 -31.72 6.35 34.21
CA ALA B 288 -31.54 7.76 34.22
C ALA B 288 -30.46 8.16 33.20
N VAL B 289 -29.41 7.40 33.17
CA VAL B 289 -28.36 7.62 32.19
C VAL B 289 -28.89 7.39 30.78
N ALA B 290 -29.72 6.39 30.62
CA ALA B 290 -30.34 6.13 29.36
C ALA B 290 -31.14 7.31 28.89
N ASP B 291 -31.92 7.92 29.77
CA ASP B 291 -32.70 9.07 29.40
C ASP B 291 -31.82 10.21 28.93
N ALA B 292 -30.70 10.36 29.61
CA ALA B 292 -29.76 11.41 29.29
C ALA B 292 -29.14 11.21 27.87
N VAL B 293 -28.80 9.99 27.58
CA VAL B 293 -28.31 9.62 26.25
C VAL B 293 -29.34 9.82 25.17
N ILE B 294 -30.58 9.44 25.44
CA ILE B 294 -31.64 9.62 24.47
C ILE B 294 -31.82 11.08 24.12
N GLU B 295 -31.75 11.94 25.10
CA GLU B 295 -31.93 13.34 24.87
C GLU B 295 -30.81 13.90 24.01
N LYS B 296 -29.61 13.52 24.33
CA LYS B 296 -28.44 13.96 23.57
C LYS B 296 -28.50 13.53 22.10
N PHE B 297 -28.83 12.28 21.85
CA PHE B 297 -28.99 11.74 20.52
C PHE B 297 -30.19 12.20 19.73
N ALA B 298 -31.24 12.68 20.38
CA ALA B 298 -32.50 12.84 19.70
C ALA B 298 -32.51 13.80 18.55
N PRO B 299 -31.96 14.98 18.68
CA PRO B 299 -31.85 15.89 17.57
C PRO B 299 -30.93 15.37 16.44
N ILE B 300 -29.88 14.67 16.82
CA ILE B 300 -28.98 14.08 15.85
C ILE B 300 -29.73 13.04 15.02
N LYS B 301 -30.47 12.17 15.70
CA LYS B 301 -31.26 11.18 15.01
C LYS B 301 -32.32 11.79 14.11
N ARG B 302 -32.95 12.87 14.53
CA ARG B 302 -33.91 13.51 13.68
C ARG B 302 -33.27 14.05 12.43
N GLU B 303 -32.11 14.64 12.57
CA GLU B 303 -31.40 15.18 11.42
C GLU B 303 -30.91 14.11 10.43
N ILE B 304 -30.52 12.98 10.97
CA ILE B 304 -30.05 11.87 10.18
C ILE B 304 -31.19 11.46 9.30
N GLU B 305 -32.35 11.34 9.88
CA GLU B 305 -33.52 10.92 9.14
C GLU B 305 -33.88 11.86 8.04
N LYS B 306 -33.75 13.13 8.30
CA LYS B 306 -33.96 14.12 7.28
C LYS B 306 -32.92 14.14 6.15
N LEU B 307 -31.66 14.04 6.55
CA LEU B 307 -30.53 14.04 5.62
C LEU B 307 -30.53 12.85 4.67
N LYS B 308 -30.97 11.71 5.13
CA LYS B 308 -30.99 10.49 4.35
C LYS B 308 -31.90 10.58 3.14
N LEU B 309 -32.79 11.54 3.20
CA LEU B 309 -33.75 11.79 2.15
C LEU B 309 -33.18 12.35 0.89
N ASP B 310 -31.99 12.93 0.96
CA ASP B 310 -31.42 13.59 -0.19
C ASP B 310 -30.00 13.10 -0.49
N LYS B 311 -29.92 11.98 -1.17
CA LYS B 311 -28.67 11.33 -1.49
C LYS B 311 -27.78 12.21 -2.35
N ASP B 312 -28.32 13.03 -3.24
CA ASP B 312 -27.52 13.87 -4.10
C ASP B 312 -26.75 14.87 -3.30
N HIS B 313 -27.35 15.40 -2.28
CA HIS B 313 -26.71 16.34 -1.43
C HIS B 313 -25.54 15.72 -0.67
N LEU B 314 -25.72 14.54 -0.15
CA LEU B 314 -24.68 13.84 0.57
C LEU B 314 -23.46 13.53 -0.32
N GLU B 315 -23.74 13.11 -1.54
CA GLU B 315 -22.71 12.83 -2.53
C GLU B 315 -21.92 14.09 -2.89
N LYS B 316 -22.64 15.16 -3.09
CA LYS B 316 -22.06 16.44 -3.41
C LYS B 316 -21.21 17.04 -2.30
N VAL B 317 -21.60 16.89 -1.06
CA VAL B 317 -20.77 17.35 0.04
C VAL B 317 -19.39 16.65 0.06
N LEU B 318 -19.36 15.36 -0.12
CA LEU B 318 -18.13 14.62 -0.21
C LEU B 318 -17.31 14.97 -1.42
N GLN B 319 -17.97 15.18 -2.52
CA GLN B 319 -17.28 15.49 -3.73
C GLN B 319 -16.54 16.78 -3.54
N ILE B 320 -17.20 17.76 -3.01
CA ILE B 320 -16.57 19.05 -2.81
C ILE B 320 -15.43 18.97 -1.81
N GLY B 321 -15.62 18.23 -0.76
CA GLY B 321 -14.61 18.06 0.26
C GLY B 321 -13.40 17.29 -0.27
N SER B 322 -13.66 16.28 -1.04
CA SER B 322 -12.60 15.48 -1.64
C SER B 322 -11.72 16.31 -2.59
N ALA B 323 -12.32 17.19 -3.37
CA ALA B 323 -11.59 18.07 -4.25
C ALA B 323 -10.68 19.00 -3.46
N LYS B 324 -11.15 19.51 -2.35
CA LYS B 324 -10.31 20.32 -1.49
C LYS B 324 -9.12 19.56 -0.87
N ALA B 325 -9.38 18.38 -0.38
CA ALA B 325 -8.36 17.54 0.15
C ALA B 325 -7.36 17.17 -0.94
N LYS B 326 -7.84 16.92 -2.12
CA LYS B 326 -6.97 16.48 -3.20
C LYS B 326 -5.91 17.51 -3.48
N GLU B 327 -6.29 18.75 -3.50
CA GLU B 327 -5.37 19.82 -3.79
C GLU B 327 -4.31 19.97 -2.74
N LEU B 328 -4.69 19.81 -1.49
CA LEU B 328 -3.73 19.83 -0.40
C LEU B 328 -2.73 18.67 -0.49
N ALA B 329 -3.27 17.51 -0.73
CA ALA B 329 -2.53 16.28 -0.81
C ALA B 329 -1.54 16.24 -1.97
N TYR B 330 -1.95 16.72 -3.11
CA TYR B 330 -1.15 16.67 -4.31
C TYR B 330 0.12 17.42 -4.04
N THR B 331 -0.01 18.57 -3.43
CA THR B 331 1.13 19.44 -3.19
C THR B 331 2.18 18.79 -2.32
N VAL B 332 1.75 18.17 -1.26
CA VAL B 332 2.64 17.45 -0.36
C VAL B 332 3.30 16.22 -1.00
N CYS B 333 2.52 15.44 -1.71
CA CYS B 333 2.97 14.21 -2.29
C CYS B 333 4.07 14.51 -3.33
N GLN B 334 3.92 15.58 -4.07
CA GLN B 334 4.96 15.99 -5.01
C GLN B 334 6.27 16.29 -4.30
N GLU B 335 6.18 16.92 -3.13
CA GLU B 335 7.35 17.21 -2.33
C GLU B 335 8.03 15.97 -1.83
N VAL B 336 7.22 15.04 -1.38
CA VAL B 336 7.70 13.77 -0.92
C VAL B 336 8.42 13.04 -2.04
N LYS B 337 7.88 13.08 -3.21
CA LYS B 337 8.47 12.40 -4.36
C LYS B 337 9.84 12.93 -4.71
N LYS B 338 9.96 14.24 -4.66
CA LYS B 338 11.24 14.89 -4.88
C LYS B 338 12.26 14.45 -3.82
N LEU B 339 11.84 14.36 -2.58
CA LEU B 339 12.72 13.95 -1.51
C LEU B 339 13.23 12.53 -1.66
N VAL B 340 12.34 11.64 -2.05
CA VAL B 340 12.62 10.24 -2.19
C VAL B 340 13.54 9.92 -3.40
N GLY B 341 13.42 10.70 -4.44
CA GLY B 341 14.21 10.56 -5.63
C GLY B 341 13.42 10.20 -6.87
N PHE B 342 12.11 10.10 -6.74
CA PHE B 342 11.24 9.84 -7.84
C PHE B 342 11.20 10.99 -8.82
N LEU B 343 11.31 12.21 -8.30
CA LEU B 343 11.32 13.42 -9.05
C LEU B 343 12.52 14.28 -8.71
#